data_7DKG
#
_entry.id   7DKG
#
_cell.length_a   53.810
_cell.length_b   60.120
_cell.length_c   81.370
_cell.angle_alpha   107.31
_cell.angle_beta   106.68
_cell.angle_gamma   96.11
#
_symmetry.space_group_name_H-M   'P 1'
#
loop_
_entity.id
_entity.type
_entity.pdbx_description
1 polymer Nucleoprotein
2 polymer "RNA (5'-R(P*(OMU)P*(OMU)P*(OMU))-3')"
3 water water
#
loop_
_entity_poly.entity_id
_entity_poly.type
_entity_poly.pdbx_seq_one_letter_code
_entity_poly.pdbx_strand_id
1 'polypeptide(L)'
;MGSSHHHHHHSSGLVPRGSHMASMTGGQQMGRGSEFMASQGTKRSYEQMETGGERQNATEIRASVGRMVGGIGRFYIQMC
TELKLSDQEGRLIQNSITIERMVLSAFDERRNRYLEEHPSAGKDPKKTGGPIYRRRDGKWVRELILYDKEEIRRIWRQAN
NGEDATAGLTHMMIWHSNLNDATYQRTRALVRTGMDPRMCSLMQGSTLPRRSGAAGAAIKGVGTMVMELIRMIKRGINDR
NFWRGENGRRTRIAYERMCNILKGKFQTAAQKAMMDQVRESRNPGNAEIEDLIFLARSALILRGSIAHKSCLPACVYGLA
VASGYDFEREGYSLVGIDPFRLLQNSQVFSLIRPNENPAHKSQLVWMACHSAAFEDLRVSSFIRGTRVIPRGQLSTRGVQ
IASNENVEAMDSSTLELRSRYWAIRTRSGGNTNQQRAFKGNTEGRTSDMRTEIIRMMESARPEDVSFQGRGVFELSDEKA
TNPIVPSFDMSNEGSYFFGDNAEEY
;
A,B
2 'polydeoxyribonucleotide' (OMU)(OMU)(OMU)(OMU)(OMU)(OMU)(OMU)(OMU) C
#
loop_
_chem_comp.id
_chem_comp.type
_chem_comp.name
_chem_comp.formula
OMU RNA linking 'O2'-METHYLURIDINE 5'-MONOPHOSPHATE' 'C10 H15 N2 O9 P'
#
# COMPACT_ATOMS: atom_id res chain seq x y z
N THR A 59 22.28 -6.46 -28.31
CA THR A 59 22.05 -7.54 -27.31
C THR A 59 23.27 -7.80 -26.42
N GLU A 60 24.50 -7.49 -26.85
CA GLU A 60 25.66 -7.78 -25.97
C GLU A 60 25.61 -6.81 -24.80
N ILE A 61 25.38 -5.51 -25.01
CA ILE A 61 25.32 -4.58 -23.85
C ILE A 61 24.12 -5.01 -23.02
N ARG A 62 23.08 -5.55 -23.65
CA ARG A 62 21.83 -5.88 -22.93
C ARG A 62 22.05 -7.15 -22.09
N ALA A 63 22.90 -8.07 -22.57
CA ALA A 63 23.30 -9.27 -21.80
C ALA A 63 24.20 -8.86 -20.63
N SER A 64 25.16 -7.97 -20.88
CA SER A 64 26.15 -7.45 -19.89
C SER A 64 25.38 -6.83 -18.71
N VAL A 65 24.46 -5.91 -19.00
CA VAL A 65 23.70 -5.17 -17.96
C VAL A 65 22.80 -6.18 -17.21
N GLY A 66 22.21 -7.13 -17.96
CA GLY A 66 21.38 -8.22 -17.41
C GLY A 66 22.17 -9.13 -16.51
N ARG A 67 23.44 -9.40 -16.83
CA ARG A 67 24.29 -10.28 -16.01
C ARG A 67 24.65 -9.52 -14.73
N MET A 68 24.73 -8.20 -14.79
CA MET A 68 25.10 -7.36 -13.62
C MET A 68 23.93 -7.31 -12.64
N VAL A 69 22.72 -7.02 -13.14
CA VAL A 69 21.47 -6.98 -12.34
C VAL A 69 21.18 -8.38 -11.78
N GLY A 70 21.30 -9.39 -12.62
CA GLY A 70 21.18 -10.80 -12.20
C GLY A 70 22.13 -11.07 -11.04
N GLY A 71 23.36 -10.57 -11.14
CA GLY A 71 24.34 -10.69 -10.05
C GLY A 71 23.77 -10.13 -8.76
N ILE A 72 23.07 -9.00 -8.85
CA ILE A 72 22.65 -8.25 -7.65
C ILE A 72 21.52 -9.03 -6.96
N GLY A 73 20.66 -9.69 -7.74
CA GLY A 73 19.52 -10.43 -7.19
C GLY A 73 19.99 -11.73 -6.57
N ARG A 74 20.97 -12.36 -7.20
CA ARG A 74 21.59 -13.59 -6.65
C ARG A 74 22.21 -13.26 -5.29
N PHE A 75 22.94 -12.15 -5.21
CA PHE A 75 23.68 -11.76 -4.00
C PHE A 75 22.68 -11.49 -2.88
N TYR A 76 21.54 -10.92 -3.22
CA TYR A 76 20.48 -10.56 -2.25
C TYR A 76 19.79 -11.83 -1.75
N ILE A 77 19.45 -12.76 -2.65
CA ILE A 77 18.80 -14.06 -2.27
C ILE A 77 19.73 -14.81 -1.30
N GLN A 78 21.04 -14.72 -1.52
CA GLN A 78 22.00 -15.55 -0.77
C GLN A 78 22.17 -14.98 0.63
N MET A 79 22.25 -13.66 0.74
CA MET A 79 22.43 -13.01 2.05
C MET A 79 21.11 -13.01 2.81
N CYS A 80 19.99 -13.34 2.16
CA CYS A 80 18.68 -13.50 2.83
C CYS A 80 18.55 -14.94 3.30
N THR A 81 19.13 -15.88 2.57
CA THR A 81 19.19 -17.30 3.00
C THR A 81 20.14 -17.39 4.19
N GLU A 82 21.19 -16.58 4.23
CA GLU A 82 22.29 -16.71 5.22
C GLU A 82 22.02 -15.82 6.45
N LEU A 83 21.12 -14.85 6.35
CA LEU A 83 20.66 -14.06 7.53
C LEU A 83 19.33 -14.61 8.02
N LYS A 84 18.74 -15.54 7.28
CA LYS A 84 17.47 -16.23 7.66
C LYS A 84 16.34 -15.20 7.70
N LEU A 85 16.28 -14.33 6.70
CA LEU A 85 15.15 -13.38 6.57
C LEU A 85 14.03 -14.11 5.85
N SER A 86 12.84 -14.10 6.44
CA SER A 86 11.58 -14.58 5.82
C SER A 86 11.33 -13.87 4.48
N ASP A 87 10.31 -14.34 3.77
CA ASP A 87 9.81 -13.75 2.50
C ASP A 87 9.47 -12.28 2.71
N GLN A 88 8.63 -11.98 3.71
CA GLN A 88 8.19 -10.59 4.00
C GLN A 88 9.40 -9.75 4.39
N GLU A 89 10.28 -10.29 5.24
CA GLU A 89 11.49 -9.59 5.77
C GLU A 89 12.40 -9.22 4.59
N GLY A 90 12.42 -10.06 3.55
CA GLY A 90 13.30 -9.87 2.38
C GLY A 90 12.77 -8.78 1.47
N ARG A 91 11.49 -8.43 1.59
CA ARG A 91 10.87 -7.41 0.72
C ARG A 91 10.83 -6.05 1.44
N LEU A 92 11.50 -5.91 2.58
CA LEU A 92 11.57 -4.62 3.30
C LEU A 92 12.73 -3.81 2.73
N ILE A 93 12.43 -2.64 2.19
CA ILE A 93 13.47 -1.79 1.55
C ILE A 93 14.53 -1.43 2.59
N GLN A 94 14.21 -1.40 3.87
CA GLN A 94 15.21 -1.05 4.93
C GLN A 94 16.28 -2.17 5.05
N ASN A 95 15.83 -3.41 5.10
CA ASN A 95 16.75 -4.57 5.12
C ASN A 95 17.62 -4.52 3.87
N SER A 96 17.05 -4.11 2.75
CA SER A 96 17.71 -4.19 1.42
C SER A 96 18.78 -3.11 1.36
N ILE A 97 18.51 -1.94 1.94
CA ILE A 97 19.53 -0.87 1.98
C ILE A 97 20.68 -1.33 2.88
N THR A 98 20.41 -2.07 3.96
CA THR A 98 21.47 -2.49 4.90
C THR A 98 22.41 -3.48 4.18
N ILE A 99 21.85 -4.41 3.41
CA ILE A 99 22.68 -5.41 2.70
C ILE A 99 23.48 -4.69 1.61
N GLU A 100 22.87 -3.72 0.94
CA GLU A 100 23.58 -2.91 -0.09
C GLU A 100 24.73 -2.18 0.61
N ARG A 101 24.48 -1.59 1.78
CA ARG A 101 25.52 -0.79 2.48
C ARG A 101 26.67 -1.70 2.88
N MET A 102 26.38 -2.90 3.38
CA MET A 102 27.41 -3.86 3.84
C MET A 102 28.33 -4.21 2.68
N VAL A 103 27.78 -4.60 1.54
CA VAL A 103 28.62 -5.06 0.41
C VAL A 103 29.39 -3.87 -0.17
N LEU A 104 28.82 -2.67 -0.11
CA LEU A 104 29.52 -1.46 -0.58
C LEU A 104 30.68 -1.15 0.36
N SER A 105 30.48 -1.35 1.67
CA SER A 105 31.50 -1.03 2.71
C SER A 105 32.60 -2.10 2.70
N ALA A 106 32.24 -3.33 2.34
CA ALA A 106 33.15 -4.49 2.30
C ALA A 106 34.17 -4.31 1.18
N PHE A 107 33.80 -3.62 0.10
CA PHE A 107 34.70 -3.40 -1.07
C PHE A 107 35.30 -1.99 -1.03
N ASP A 108 35.38 -1.40 0.16
CA ASP A 108 35.79 0.02 0.30
C ASP A 108 37.12 0.14 1.08
N GLU A 109 37.04 0.59 2.33
CA GLU A 109 38.17 1.05 3.19
C GLU A 109 38.74 2.39 2.68
N ARG A 110 38.14 3.01 1.65
CA ARG A 110 38.43 4.43 1.27
C ARG A 110 37.17 5.16 0.75
N ARG A 111 36.78 4.93 -0.51
CA ARG A 111 35.63 5.62 -1.17
C ARG A 111 34.82 4.67 -2.06
N ASN A 112 33.89 3.94 -1.45
CA ASN A 112 32.86 3.08 -2.09
C ASN A 112 31.57 3.32 -1.29
N ARG A 113 31.76 3.55 0.02
CA ARG A 113 30.71 3.76 1.03
C ARG A 113 29.63 2.69 0.85
N LYS A 123 35.70 -0.44 17.46
CA LYS A 123 35.05 -0.83 16.18
C LYS A 123 36.02 -1.68 15.36
N ASP A 124 35.59 -2.88 14.99
CA ASP A 124 36.44 -3.86 14.28
C ASP A 124 36.59 -3.39 12.84
N PRO A 125 37.81 -3.13 12.35
CA PRO A 125 37.99 -2.71 10.95
C PRO A 125 37.77 -3.80 9.89
N LYS A 126 37.71 -5.07 10.29
CA LYS A 126 37.56 -6.23 9.37
C LYS A 126 36.09 -6.64 9.34
N LYS A 127 35.22 -5.87 9.99
CA LYS A 127 33.76 -6.20 10.04
C LYS A 127 32.94 -5.02 9.52
N THR A 128 31.83 -5.32 8.87
CA THR A 128 30.79 -4.35 8.49
C THR A 128 29.46 -4.97 8.83
N GLY A 129 28.38 -4.18 8.73
CA GLY A 129 27.03 -4.59 9.14
C GLY A 129 26.16 -3.37 9.30
N GLY A 130 24.98 -3.58 9.87
CA GLY A 130 24.03 -2.47 10.12
C GLY A 130 22.75 -2.97 10.79
N PRO A 131 21.65 -2.20 10.72
CA PRO A 131 20.39 -2.64 11.30
C PRO A 131 19.64 -3.60 10.36
N ILE A 132 19.16 -4.70 10.91
CA ILE A 132 18.24 -5.62 10.21
C ILE A 132 16.94 -5.65 11.00
N TYR A 133 15.82 -5.71 10.29
CA TYR A 133 14.47 -5.54 10.87
C TYR A 133 13.73 -6.85 10.63
N ARG A 134 13.29 -7.47 11.72
CA ARG A 134 12.70 -8.82 11.68
C ARG A 134 11.33 -8.79 12.33
N ARG A 135 10.46 -9.68 11.90
CA ARG A 135 9.11 -9.83 12.50
C ARG A 135 9.22 -10.74 13.72
N ARG A 136 8.95 -10.20 14.89
CA ARG A 136 8.87 -11.00 16.13
C ARG A 136 7.64 -10.59 16.92
N ASP A 137 6.78 -11.56 17.24
CA ASP A 137 5.62 -11.37 18.14
C ASP A 137 4.80 -10.17 17.68
N GLY A 138 4.51 -10.13 16.37
CA GLY A 138 3.56 -9.20 15.74
C GLY A 138 4.09 -7.78 15.62
N LYS A 139 5.40 -7.57 15.77
CA LYS A 139 6.01 -6.23 15.62
C LYS A 139 7.32 -6.33 14.86
N TRP A 140 7.87 -5.17 14.49
CA TRP A 140 9.21 -5.07 13.88
C TRP A 140 10.23 -4.82 15.00
N VAL A 141 11.36 -5.49 14.88
CA VAL A 141 12.44 -5.41 15.89
C VAL A 141 13.74 -5.15 15.14
N ARG A 142 14.43 -4.10 15.55
CA ARG A 142 15.78 -3.77 15.07
C ARG A 142 16.75 -4.77 15.67
N GLU A 143 17.44 -5.52 14.80
CA GLU A 143 18.62 -6.34 15.15
C GLU A 143 19.84 -5.74 14.46
N LEU A 144 20.88 -5.43 15.23
CA LEU A 144 22.19 -5.05 14.64
C LEU A 144 22.93 -6.33 14.26
N ILE A 145 23.60 -6.33 13.12
CA ILE A 145 24.39 -7.51 12.66
C ILE A 145 25.81 -7.05 12.37
N LEU A 146 26.75 -7.98 12.48
CA LEU A 146 28.17 -7.79 12.07
C LEU A 146 28.58 -8.99 11.20
N TYR A 147 29.38 -8.72 10.18
CA TYR A 147 29.84 -9.71 9.18
C TYR A 147 31.27 -9.38 8.79
N ASP A 148 32.13 -10.40 8.70
CA ASP A 148 33.49 -10.26 8.16
C ASP A 148 33.39 -9.72 6.73
N LYS A 149 34.16 -8.67 6.45
CA LYS A 149 34.21 -7.99 5.13
C LYS A 149 34.67 -8.99 4.05
N GLU A 150 35.43 -10.03 4.39
CA GLU A 150 35.93 -10.95 3.34
C GLU A 150 34.82 -11.94 2.99
N GLU A 151 33.97 -12.27 3.94
CA GLU A 151 32.90 -13.29 3.83
C GLU A 151 31.78 -12.75 2.93
N ILE A 152 31.53 -11.46 3.02
CA ILE A 152 30.50 -10.80 2.18
C ILE A 152 31.10 -10.53 0.80
N ARG A 153 32.39 -10.21 0.74
CA ARG A 153 33.09 -10.06 -0.57
C ARG A 153 32.98 -11.38 -1.33
N ARG A 154 33.17 -12.51 -0.65
CA ARG A 154 33.14 -13.86 -1.24
C ARG A 154 31.72 -14.20 -1.73
N ILE A 155 30.70 -13.82 -0.96
CA ILE A 155 29.28 -14.08 -1.33
C ILE A 155 28.98 -13.25 -2.57
N TRP A 156 29.53 -12.03 -2.65
CA TRP A 156 29.26 -11.12 -3.78
C TRP A 156 29.86 -11.70 -5.06
N ARG A 157 31.06 -12.27 -4.94
CA ARG A 157 31.80 -12.90 -6.05
C ARG A 157 31.12 -14.23 -6.42
N GLN A 158 30.65 -15.00 -5.44
CA GLN A 158 29.92 -16.26 -5.67
C GLN A 158 28.71 -15.95 -6.55
N ALA A 159 28.03 -14.84 -6.27
CA ALA A 159 26.77 -14.49 -6.97
C ALA A 159 27.07 -13.94 -8.38
N ASN A 160 28.34 -13.69 -8.72
CA ASN A 160 28.71 -13.13 -10.04
C ASN A 160 29.73 -14.04 -10.75
N ASN A 161 29.82 -15.32 -10.36
CA ASN A 161 30.74 -16.32 -10.96
C ASN A 161 32.20 -15.93 -10.72
N GLY A 162 32.52 -15.54 -9.48
CA GLY A 162 33.90 -15.25 -9.04
C GLY A 162 34.45 -13.96 -9.63
N GLU A 163 33.63 -13.18 -10.36
CA GLU A 163 34.09 -11.92 -10.99
C GLU A 163 34.02 -10.76 -9.97
N ASP A 164 34.90 -9.78 -10.09
CA ASP A 164 34.72 -8.48 -9.41
C ASP A 164 33.60 -7.76 -10.14
N ALA A 165 32.36 -7.94 -9.74
CA ALA A 165 31.23 -7.26 -10.40
C ALA A 165 31.20 -5.78 -9.98
N THR A 166 32.21 -5.00 -10.35
CA THR A 166 32.34 -3.57 -9.95
C THR A 166 31.14 -2.77 -10.46
N ALA A 167 30.54 -3.17 -11.58
CA ALA A 167 29.43 -2.44 -12.20
C ALA A 167 28.17 -2.60 -11.33
N GLY A 168 28.02 -3.75 -10.66
CA GLY A 168 26.89 -4.03 -9.77
C GLY A 168 27.03 -3.20 -8.51
N LEU A 169 28.28 -2.93 -8.12
CA LEU A 169 28.55 -2.15 -6.88
C LEU A 169 28.23 -0.70 -7.18
N THR A 170 28.67 -0.19 -8.33
CA THR A 170 28.35 1.17 -8.82
C THR A 170 26.84 1.33 -8.95
N HIS A 171 26.15 0.26 -9.37
CA HIS A 171 24.69 0.30 -9.64
C HIS A 171 23.95 0.63 -8.34
N MET A 172 24.21 -0.17 -7.30
CA MET A 172 23.69 0.00 -5.92
C MET A 172 24.07 1.38 -5.41
N MET A 173 25.25 1.86 -5.78
CA MET A 173 25.71 3.21 -5.38
C MET A 173 24.82 4.29 -6.02
N ILE A 174 24.59 4.18 -7.33
CA ILE A 174 23.80 5.19 -8.08
C ILE A 174 22.38 5.18 -7.51
N TRP A 175 21.93 4.04 -7.00
CA TRP A 175 20.58 3.89 -6.40
C TRP A 175 20.53 4.67 -5.10
N HIS A 176 21.53 4.50 -4.25
CA HIS A 176 21.69 5.24 -2.97
C HIS A 176 21.74 6.74 -3.28
N SER A 177 22.51 7.14 -4.28
CA SER A 177 22.68 8.57 -4.68
C SER A 177 21.33 9.19 -5.11
N ASN A 178 20.61 8.54 -6.03
CA ASN A 178 19.30 9.04 -6.55
C ASN A 178 18.30 9.06 -5.39
N LEU A 179 18.42 8.12 -4.46
CA LEU A 179 17.54 8.10 -3.28
C LEU A 179 17.87 9.32 -2.44
N ASN A 180 19.15 9.65 -2.26
CA ASN A 180 19.57 10.83 -1.47
C ASN A 180 19.10 12.11 -2.17
N ASP A 181 19.11 12.13 -3.49
CA ASP A 181 18.68 13.32 -4.27
C ASP A 181 17.19 13.55 -4.01
N ALA A 182 16.38 12.49 -3.96
CA ALA A 182 14.92 12.61 -3.84
C ALA A 182 14.53 12.92 -2.39
N THR A 183 15.44 12.69 -1.45
CA THR A 183 15.10 12.70 -0.01
C THR A 183 15.64 13.95 0.65
N TYR A 184 16.90 14.31 0.39
CA TYR A 184 17.65 15.28 1.20
C TYR A 184 17.84 16.60 0.45
N GLN A 185 17.76 17.70 1.20
CA GLN A 185 18.04 19.07 0.70
C GLN A 185 19.54 19.35 0.88
N ARG A 186 20.08 20.22 0.04
CA ARG A 186 21.54 20.51 0.02
C ARG A 186 21.76 22.02 0.11
N THR A 187 20.75 22.80 0.49
CA THR A 187 20.78 24.27 0.38
C THR A 187 21.84 24.87 1.29
N ARG A 188 22.08 24.28 2.46
CA ARG A 188 23.07 24.84 3.42
C ARG A 188 24.47 24.65 2.85
N ALA A 189 24.77 23.48 2.28
CA ALA A 189 26.02 23.22 1.56
C ALA A 189 26.16 24.19 0.37
N LEU A 190 25.08 24.48 -0.35
CA LEU A 190 25.13 25.38 -1.54
C LEU A 190 25.55 26.78 -1.08
N VAL A 191 24.97 27.29 0.01
CA VAL A 191 25.20 28.68 0.51
C VAL A 191 26.61 28.76 1.07
N ARG A 192 27.07 27.72 1.78
CA ARG A 192 28.40 27.68 2.42
C ARG A 192 29.49 27.63 1.32
N THR A 193 29.12 27.33 0.06
CA THR A 193 30.10 27.18 -1.05
C THR A 193 30.03 28.38 -1.98
N GLY A 194 29.14 29.35 -1.74
CA GLY A 194 29.00 30.57 -2.56
C GLY A 194 27.95 30.45 -3.65
N MET A 195 27.28 29.30 -3.79
CA MET A 195 26.26 29.09 -4.85
C MET A 195 24.87 29.48 -4.32
N ASP A 196 23.91 29.69 -5.20
CA ASP A 196 22.55 30.15 -4.79
C ASP A 196 21.66 28.92 -4.64
N PRO A 197 20.73 28.90 -3.66
CA PRO A 197 19.89 27.72 -3.39
C PRO A 197 18.99 27.28 -4.55
N ARG A 198 18.65 28.19 -5.46
CA ARG A 198 17.89 27.88 -6.70
C ARG A 198 18.55 26.72 -7.46
N MET A 199 19.87 26.58 -7.36
CA MET A 199 20.65 25.61 -8.17
C MET A 199 20.46 24.18 -7.63
N CYS A 200 19.55 23.96 -6.69
CA CYS A 200 19.12 22.62 -6.20
C CYS A 200 18.80 21.70 -7.39
N SER A 201 18.25 22.25 -8.47
CA SER A 201 17.88 21.54 -9.70
C SER A 201 19.10 20.90 -10.37
N LEU A 202 20.32 21.22 -9.95
CA LEU A 202 21.55 20.77 -10.66
C LEU A 202 22.43 19.97 -9.69
N MET A 203 21.87 19.48 -8.59
CA MET A 203 22.66 18.83 -7.52
C MET A 203 22.46 17.31 -7.59
N GLN A 204 22.25 16.78 -8.79
CA GLN A 204 22.15 15.32 -9.01
C GLN A 204 23.55 14.71 -8.77
N GLY A 205 23.62 13.62 -8.01
CA GLY A 205 24.84 12.84 -7.77
C GLY A 205 25.71 13.44 -6.67
N SER A 206 25.18 14.43 -5.95
CA SER A 206 25.97 15.26 -5.00
C SER A 206 26.40 14.42 -3.82
N THR A 207 25.74 13.29 -3.58
CA THR A 207 26.00 12.41 -2.41
C THR A 207 26.84 11.19 -2.83
N LEU A 208 27.30 11.15 -4.08
CA LEU A 208 28.19 10.05 -4.52
C LEU A 208 29.52 10.17 -3.79
N PRO A 209 30.15 9.05 -3.37
CA PRO A 209 31.50 9.07 -2.83
C PRO A 209 32.51 9.62 -3.86
N ARG A 210 33.69 10.01 -3.38
CA ARG A 210 34.64 10.85 -4.15
C ARG A 210 35.53 9.99 -5.05
N ARG A 211 35.10 8.78 -5.41
CA ARG A 211 35.79 7.91 -6.40
C ARG A 211 34.82 6.83 -6.87
N SER A 212 33.81 7.23 -7.63
CA SER A 212 32.88 6.30 -8.33
C SER A 212 33.22 6.21 -9.82
N GLY A 213 34.28 6.88 -10.26
CA GLY A 213 34.79 6.84 -11.65
C GLY A 213 33.84 7.52 -12.60
N ALA A 214 33.79 7.05 -13.84
CA ALA A 214 33.06 7.69 -14.97
C ALA A 214 31.56 7.45 -14.83
N ALA A 215 31.14 6.28 -14.32
CA ALA A 215 29.72 5.93 -14.16
C ALA A 215 29.10 6.90 -13.16
N GLY A 216 29.78 7.08 -12.01
CA GLY A 216 29.36 8.05 -10.99
C GLY A 216 29.35 9.46 -11.55
N ALA A 217 30.41 9.82 -12.28
CA ALA A 217 30.65 11.21 -12.75
C ALA A 217 29.67 11.54 -13.87
N ALA A 218 29.11 10.54 -14.55
CA ALA A 218 28.27 10.78 -15.75
C ALA A 218 26.90 11.31 -15.31
N ILE A 219 26.46 10.92 -14.11
CA ILE A 219 25.11 11.29 -13.59
C ILE A 219 25.25 12.47 -12.62
N LYS A 220 26.44 13.00 -12.44
CA LYS A 220 26.63 14.18 -11.55
C LYS A 220 26.16 15.42 -12.29
N GLY A 221 25.30 16.21 -11.64
CA GLY A 221 24.73 17.43 -12.23
C GLY A 221 25.78 18.51 -12.36
N VAL A 222 25.48 19.53 -13.16
CA VAL A 222 26.35 20.73 -13.31
C VAL A 222 26.65 21.32 -11.92
N GLY A 223 25.65 21.44 -11.05
CA GLY A 223 25.83 22.03 -9.71
C GLY A 223 26.79 21.22 -8.87
N THR A 224 26.70 19.88 -8.92
CA THR A 224 27.59 18.99 -8.14
C THR A 224 29.03 19.29 -8.53
N MET A 225 29.30 19.34 -9.83
CA MET A 225 30.68 19.52 -10.33
C MET A 225 31.16 20.92 -9.96
N VAL A 226 30.30 21.91 -10.08
CA VAL A 226 30.65 23.32 -9.75
C VAL A 226 31.00 23.39 -8.26
N MET A 227 30.26 22.67 -7.39
CA MET A 227 30.41 22.75 -5.92
C MET A 227 31.76 22.15 -5.52
N GLU A 228 32.11 20.99 -6.06
CA GLU A 228 33.35 20.28 -5.66
C GLU A 228 34.54 21.05 -6.25
N LEU A 229 34.33 21.75 -7.37
CA LEU A 229 35.40 22.56 -8.01
C LEU A 229 35.65 23.81 -7.18
N ILE A 230 34.58 24.46 -6.70
CA ILE A 230 34.67 25.67 -5.83
C ILE A 230 35.31 25.23 -4.51
N ARG A 231 34.97 24.03 -4.03
CA ARG A 231 35.35 23.53 -2.69
C ARG A 231 36.87 23.31 -2.64
N MET A 232 37.48 22.80 -3.71
CA MET A 232 38.95 22.57 -3.67
C MET A 232 39.65 23.91 -3.83
N ILE A 233 39.13 24.80 -4.68
CA ILE A 233 39.67 26.18 -4.81
C ILE A 233 39.55 26.91 -3.48
N LYS A 234 38.51 26.63 -2.69
CA LYS A 234 38.27 27.32 -1.40
C LYS A 234 39.49 27.13 -0.48
N ARG A 235 40.17 25.99 -0.59
CA ARG A 235 41.38 25.69 0.23
C ARG A 235 42.62 26.12 -0.56
N GLY A 236 42.93 27.42 -0.50
CA GLY A 236 44.13 28.03 -1.11
C GLY A 236 44.02 29.54 -1.10
N ARG A 249 50.24 18.94 -11.08
CA ARG A 249 50.97 18.60 -9.83
C ARG A 249 50.20 17.52 -9.06
N ARG A 250 50.37 17.52 -7.74
CA ARG A 250 49.88 16.47 -6.80
C ARG A 250 48.35 16.37 -6.88
N THR A 251 47.65 17.49 -6.75
CA THR A 251 46.18 17.53 -6.58
C THR A 251 45.57 18.38 -7.70
N ARG A 252 46.16 18.33 -8.89
CA ARG A 252 45.82 19.26 -9.99
C ARG A 252 45.29 18.49 -11.19
N ILE A 253 45.67 17.22 -11.35
CA ILE A 253 45.13 16.37 -12.44
C ILE A 253 43.68 16.00 -12.07
N ALA A 254 43.37 15.94 -10.77
CA ALA A 254 41.99 15.84 -10.23
C ALA A 254 41.19 17.06 -10.69
N TYR A 255 41.75 18.25 -10.46
CA TYR A 255 41.18 19.54 -10.92
C TYR A 255 41.02 19.50 -12.45
N GLU A 256 42.03 19.00 -13.17
CA GLU A 256 42.02 18.92 -14.66
C GLU A 256 40.84 18.07 -15.13
N ARG A 257 40.67 16.87 -14.56
CA ARG A 257 39.65 15.92 -15.09
C ARG A 257 38.26 16.45 -14.76
N MET A 258 38.06 16.92 -13.54
CA MET A 258 36.75 17.45 -13.06
C MET A 258 36.32 18.64 -13.92
N CYS A 259 37.26 19.47 -14.40
CA CYS A 259 36.93 20.64 -15.23
C CYS A 259 36.48 20.17 -16.62
N ASN A 260 37.16 19.17 -17.19
CA ASN A 260 36.80 18.61 -18.51
C ASN A 260 35.56 17.73 -18.38
N ILE A 261 35.25 17.23 -17.19
CA ILE A 261 34.04 16.40 -16.98
C ILE A 261 32.84 17.36 -16.99
N LEU A 262 32.96 18.51 -16.32
CA LEU A 262 31.90 19.56 -16.29
C LEU A 262 31.88 20.25 -17.66
N LYS A 263 33.02 20.36 -18.33
CA LYS A 263 33.06 20.95 -19.70
C LYS A 263 32.22 20.07 -20.62
N GLY A 264 32.42 18.74 -20.54
CA GLY A 264 31.72 17.74 -21.37
C GLY A 264 30.23 17.71 -21.09
N LYS A 265 29.82 18.19 -19.91
CA LYS A 265 28.41 18.25 -19.47
C LYS A 265 27.70 19.47 -20.07
N PHE A 266 28.43 20.49 -20.49
CA PHE A 266 27.82 21.68 -21.12
C PHE A 266 27.59 21.41 -22.61
N GLN A 267 26.70 22.18 -23.22
CA GLN A 267 26.23 21.91 -24.60
C GLN A 267 26.15 23.22 -25.39
N THR A 268 27.08 24.15 -25.12
CA THR A 268 27.37 25.34 -25.98
C THR A 268 28.88 25.64 -25.91
N ALA A 269 29.49 25.90 -27.07
CA ALA A 269 30.92 26.22 -27.25
C ALA A 269 31.31 27.36 -26.31
N ALA A 270 30.38 28.20 -25.86
CA ALA A 270 30.69 29.42 -25.08
C ALA A 270 31.11 29.01 -23.67
N GLN A 271 30.32 28.17 -23.01
CA GLN A 271 30.59 27.77 -21.61
C GLN A 271 31.70 26.71 -21.62
N LYS A 272 31.71 25.84 -22.63
CA LYS A 272 32.80 24.87 -22.87
C LYS A 272 34.14 25.63 -22.94
N ALA A 273 34.18 26.69 -23.75
CA ALA A 273 35.39 27.55 -23.90
C ALA A 273 35.67 28.23 -22.56
N MET A 274 34.63 28.64 -21.85
CA MET A 274 34.78 29.30 -20.54
C MET A 274 35.35 28.29 -19.54
N MET A 275 34.95 27.04 -19.65
CA MET A 275 35.45 25.99 -18.74
C MET A 275 36.85 25.58 -19.16
N ASP A 276 37.23 25.86 -20.41
CA ASP A 276 38.62 25.65 -20.89
C ASP A 276 39.50 26.64 -20.13
N GLN A 277 39.12 27.92 -20.13
CA GLN A 277 39.88 29.01 -19.48
C GLN A 277 39.95 28.74 -17.98
N VAL A 278 38.85 28.32 -17.36
CA VAL A 278 38.93 28.06 -15.88
C VAL A 278 39.88 26.86 -15.68
N ARG A 279 39.77 25.82 -16.49
CA ARG A 279 40.63 24.62 -16.37
C ARG A 279 42.08 25.03 -16.60
N GLU A 280 42.33 25.82 -17.66
CA GLU A 280 43.67 26.29 -18.09
C GLU A 280 44.08 27.51 -17.26
N SER A 281 44.12 27.42 -15.93
CA SER A 281 44.42 28.56 -15.03
C SER A 281 45.56 28.17 -14.10
N ARG A 282 46.62 28.98 -14.06
CA ARG A 282 47.85 28.78 -13.23
C ARG A 282 47.48 28.80 -11.73
N ASN A 283 46.66 29.77 -11.31
CA ASN A 283 46.32 29.99 -9.88
C ASN A 283 44.81 30.13 -9.76
N PRO A 284 44.07 29.02 -9.52
CA PRO A 284 42.63 29.10 -9.34
C PRO A 284 42.27 29.77 -8.01
N GLY A 285 41.34 30.73 -8.05
CA GLY A 285 40.92 31.52 -6.88
C GLY A 285 39.53 32.09 -7.06
N ASN A 286 39.31 33.28 -6.51
CA ASN A 286 37.99 33.96 -6.44
C ASN A 286 37.44 34.20 -7.85
N ALA A 287 38.32 34.38 -8.86
CA ALA A 287 37.90 34.72 -10.25
C ALA A 287 37.27 33.47 -10.88
N GLU A 288 37.84 32.30 -10.62
CA GLU A 288 37.30 31.04 -11.17
C GLU A 288 36.04 30.67 -10.40
N ILE A 289 36.03 30.92 -9.09
CA ILE A 289 34.82 30.63 -8.25
C ILE A 289 33.65 31.43 -8.84
N GLU A 290 33.84 32.70 -9.16
CA GLU A 290 32.73 33.55 -9.66
C GLU A 290 32.39 33.11 -11.08
N ASP A 291 33.39 32.67 -11.86
CA ASP A 291 33.15 32.17 -13.24
C ASP A 291 32.30 30.90 -13.16
N LEU A 292 32.65 30.01 -12.22
CA LEU A 292 31.98 28.71 -12.02
C LEU A 292 30.58 28.94 -11.47
N ILE A 293 30.30 30.09 -10.87
CA ILE A 293 28.92 30.42 -10.39
C ILE A 293 28.12 30.94 -11.59
N PHE A 294 28.73 31.74 -12.46
CA PHE A 294 28.05 32.31 -13.65
C PHE A 294 27.60 31.17 -14.56
N LEU A 295 28.44 30.15 -14.75
CA LEU A 295 28.08 29.05 -15.68
C LEU A 295 27.16 28.05 -14.97
N ALA A 296 27.00 28.14 -13.66
CA ALA A 296 26.07 27.26 -12.92
C ALA A 296 24.66 27.86 -12.95
N ARG A 297 24.56 29.19 -12.92
CA ARG A 297 23.27 29.89 -13.20
C ARG A 297 22.97 29.78 -14.69
N SER A 298 24.00 29.76 -15.52
CA SER A 298 23.85 29.58 -16.99
C SER A 298 23.17 28.24 -17.25
N ALA A 299 23.43 27.22 -16.42
CA ALA A 299 22.87 25.87 -16.61
C ALA A 299 21.43 25.82 -16.08
N LEU A 300 20.92 26.88 -15.47
CA LEU A 300 19.48 26.93 -15.09
C LEU A 300 18.62 27.20 -16.32
N ILE A 301 19.15 27.94 -17.30
CA ILE A 301 18.44 28.22 -18.58
C ILE A 301 18.99 27.31 -19.68
N LEU A 302 20.27 27.45 -20.03
CA LEU A 302 20.96 26.57 -21.02
C LEU A 302 21.46 25.31 -20.31
N ARG A 303 20.75 24.20 -20.49
CA ARG A 303 20.75 23.04 -19.54
C ARG A 303 21.96 22.13 -19.79
N ILE A 306 23.36 15.31 -19.04
CA ILE A 306 23.45 14.59 -17.73
C ILE A 306 22.81 13.20 -17.90
N ALA A 307 23.47 12.16 -17.39
CA ALA A 307 22.97 10.77 -17.43
C ALA A 307 21.93 10.55 -16.31
N HIS A 308 20.94 9.74 -16.63
CA HIS A 308 19.83 9.35 -15.73
C HIS A 308 19.79 7.83 -15.64
N LYS A 309 20.38 7.27 -14.59
CA LYS A 309 20.45 5.79 -14.43
C LYS A 309 19.28 5.34 -13.54
N SER A 310 18.30 4.64 -14.10
CA SER A 310 17.22 3.98 -13.32
C SER A 310 17.81 2.77 -12.60
N CYS A 311 18.01 2.89 -11.30
CA CYS A 311 18.59 1.84 -10.43
C CYS A 311 17.58 1.45 -9.38
N LEU A 312 17.29 0.16 -9.29
CA LEU A 312 16.30 -0.37 -8.33
C LEU A 312 17.04 -0.90 -7.12
N PRO A 313 16.39 -0.92 -5.95
CA PRO A 313 17.00 -1.54 -4.77
C PRO A 313 17.19 -3.04 -5.00
N ALA A 314 18.14 -3.64 -4.28
CA ALA A 314 18.60 -5.02 -4.47
C ALA A 314 17.43 -5.98 -4.31
N CYS A 315 16.46 -5.65 -3.46
CA CYS A 315 15.31 -6.55 -3.13
C CYS A 315 14.40 -6.74 -4.35
N VAL A 316 14.52 -5.92 -5.39
CA VAL A 316 13.59 -5.98 -6.55
C VAL A 316 14.17 -6.93 -7.59
N TYR A 317 15.45 -6.77 -7.90
CA TYR A 317 16.21 -7.76 -8.69
C TYR A 317 16.15 -9.11 -7.96
N GLY A 318 16.29 -9.07 -6.62
CA GLY A 318 16.26 -10.26 -5.75
C GLY A 318 15.02 -11.09 -5.97
N LEU A 319 13.84 -10.49 -5.77
CA LEU A 319 12.52 -11.16 -5.97
C LEU A 319 12.43 -11.66 -7.42
N ALA A 320 12.89 -10.88 -8.40
CA ALA A 320 12.77 -11.25 -9.83
C ALA A 320 13.63 -12.49 -10.10
N VAL A 321 14.85 -12.54 -9.61
CA VAL A 321 15.72 -13.73 -9.83
C VAL A 321 15.12 -14.90 -9.05
N ALA A 322 14.51 -14.65 -7.90
CA ALA A 322 13.79 -15.68 -7.13
C ALA A 322 12.64 -16.23 -7.99
N SER A 323 11.93 -15.36 -8.69
CA SER A 323 10.80 -15.72 -9.60
C SER A 323 11.24 -16.67 -10.72
N GLY A 324 12.54 -16.69 -11.06
CA GLY A 324 13.11 -17.49 -12.15
C GLY A 324 13.38 -16.63 -13.37
N TYR A 325 13.30 -15.31 -13.24
CA TYR A 325 13.58 -14.37 -14.35
C TYR A 325 15.08 -14.40 -14.59
N ASP A 326 15.50 -14.70 -15.82
CA ASP A 326 16.93 -14.74 -16.18
C ASP A 326 17.26 -13.43 -16.89
N PHE A 327 17.96 -12.52 -16.21
CA PHE A 327 18.22 -11.15 -16.73
C PHE A 327 19.23 -11.23 -17.88
N GLU A 328 20.05 -12.28 -17.91
CA GLU A 328 21.14 -12.40 -18.93
C GLU A 328 20.52 -12.62 -20.32
N ARG A 329 19.73 -13.68 -20.51
CA ARG A 329 19.20 -14.03 -21.86
C ARG A 329 17.93 -13.23 -22.16
N GLU A 330 17.30 -12.62 -21.15
CA GLU A 330 16.13 -11.74 -21.40
C GLU A 330 16.60 -10.31 -21.68
N GLY A 331 17.84 -9.98 -21.28
CA GLY A 331 18.45 -8.66 -21.48
C GLY A 331 17.86 -7.65 -20.52
N TYR A 332 18.56 -6.55 -20.30
CA TYR A 332 18.11 -5.47 -19.40
C TYR A 332 18.81 -4.19 -19.83
N SER A 333 18.04 -3.11 -19.89
CA SER A 333 18.48 -1.73 -20.15
C SER A 333 17.92 -0.84 -19.04
N LEU A 334 18.71 0.13 -18.58
CA LEU A 334 18.25 1.11 -17.56
C LEU A 334 17.39 2.17 -18.25
N VAL A 335 17.39 2.24 -19.57
CA VAL A 335 16.84 3.42 -20.32
C VAL A 335 15.45 3.09 -20.85
N GLY A 336 15.12 1.80 -21.00
CA GLY A 336 13.91 1.40 -21.73
C GLY A 336 12.70 1.29 -20.83
N ILE A 337 12.06 0.13 -20.93
CA ILE A 337 10.84 -0.23 -20.18
C ILE A 337 11.19 -1.29 -19.10
N ASP A 338 12.40 -1.84 -19.11
CA ASP A 338 12.79 -2.94 -18.19
C ASP A 338 12.58 -2.49 -16.76
N PRO A 339 13.05 -1.30 -16.35
CA PRO A 339 12.83 -0.86 -14.98
C PRO A 339 11.33 -0.65 -14.71
N PHE A 340 10.61 -0.06 -15.67
CA PHE A 340 9.14 0.15 -15.57
C PHE A 340 8.45 -1.19 -15.40
N ARG A 341 8.89 -2.19 -16.17
CA ARG A 341 8.19 -3.49 -16.23
C ARG A 341 8.45 -4.21 -14.92
N LEU A 342 9.70 -4.17 -14.45
CA LEU A 342 10.12 -4.83 -13.19
C LEU A 342 9.42 -4.14 -12.03
N LEU A 343 9.39 -2.82 -11.98
CA LEU A 343 8.69 -2.06 -10.91
C LEU A 343 7.18 -2.37 -10.93
N GLN A 344 6.62 -2.65 -12.11
CA GLN A 344 5.16 -2.85 -12.25
C GLN A 344 4.71 -4.03 -11.36
N ASN A 345 5.47 -5.13 -11.36
CA ASN A 345 5.16 -6.38 -10.61
C ASN A 345 6.03 -6.50 -9.36
N SER A 346 6.48 -5.38 -8.81
CA SER A 346 7.35 -5.36 -7.60
C SER A 346 6.47 -5.57 -6.36
N GLN A 347 7.03 -6.22 -5.35
CA GLN A 347 6.43 -6.30 -3.99
C GLN A 347 7.46 -5.75 -3.02
N VAL A 348 7.39 -4.46 -2.73
CA VAL A 348 8.37 -3.79 -1.83
C VAL A 348 7.62 -3.17 -0.67
N PHE A 349 8.17 -3.30 0.54
CA PHE A 349 7.58 -2.75 1.78
C PHE A 349 8.55 -1.75 2.36
N SER A 350 8.00 -0.85 3.17
CA SER A 350 8.78 0.17 3.87
C SER A 350 8.17 0.42 5.25
N LEU A 351 9.05 0.65 6.21
CA LEU A 351 8.66 1.06 7.57
C LEU A 351 8.13 2.48 7.46
N ILE A 352 6.97 2.73 8.03
CA ILE A 352 6.37 4.09 8.06
C ILE A 352 6.44 4.61 9.48
N ARG A 353 7.09 5.76 9.66
CA ARG A 353 7.03 6.54 10.93
C ARG A 353 5.59 6.97 11.18
N PRO A 354 5.22 7.20 12.46
CA PRO A 354 3.88 7.71 12.78
C PRO A 354 3.61 9.06 12.10
N ASN A 355 2.39 9.24 11.61
CA ASN A 355 1.95 10.49 10.93
C ASN A 355 2.63 10.63 9.57
N GLU A 356 3.08 9.54 8.95
CA GLU A 356 3.69 9.63 7.60
C GLU A 356 2.69 9.03 6.61
N ASN A 357 2.56 9.67 5.46
CA ASN A 357 1.67 9.22 4.36
C ASN A 357 2.40 8.15 3.54
N PRO A 358 1.93 6.89 3.52
CA PRO A 358 2.61 5.82 2.78
C PRO A 358 2.68 6.09 1.27
N ALA A 359 1.72 6.84 0.71
CA ALA A 359 1.74 7.23 -0.72
C ALA A 359 2.89 8.22 -0.97
N HIS A 360 3.10 9.16 -0.05
CA HIS A 360 4.21 10.13 -0.12
C HIS A 360 5.54 9.38 -0.09
N LYS A 361 5.67 8.41 0.81
CA LYS A 361 6.88 7.56 0.87
C LYS A 361 6.99 6.80 -0.45
N SER A 362 5.87 6.43 -1.05
CA SER A 362 5.84 5.65 -2.31
C SER A 362 6.37 6.53 -3.43
N GLN A 363 5.97 7.80 -3.45
CA GLN A 363 6.39 8.75 -4.51
C GLN A 363 7.88 8.99 -4.36
N LEU A 364 8.36 9.01 -3.13
CA LEU A 364 9.77 9.29 -2.80
C LEU A 364 10.61 8.16 -3.41
N VAL A 365 10.18 6.92 -3.23
CA VAL A 365 10.94 5.72 -3.71
C VAL A 365 10.76 5.63 -5.23
N TRP A 366 9.55 5.90 -5.71
CA TRP A 366 9.23 5.87 -7.14
C TRP A 366 10.16 6.84 -7.88
N MET A 367 10.29 8.06 -7.38
CA MET A 367 11.13 9.09 -8.04
C MET A 367 12.60 8.72 -7.93
N ALA A 368 13.00 7.98 -6.89
CA ALA A 368 14.40 7.54 -6.74
C ALA A 368 14.70 6.41 -7.73
N CYS A 369 13.76 5.52 -8.01
CA CYS A 369 13.99 4.39 -8.93
C CYS A 369 14.00 4.89 -10.39
N HIS A 370 13.41 6.05 -10.69
CA HIS A 370 13.40 6.59 -12.08
C HIS A 370 14.31 7.83 -12.18
N SER A 371 15.10 8.09 -11.14
CA SER A 371 16.04 9.23 -11.02
C SER A 371 15.35 10.50 -11.53
N ALA A 372 14.16 10.79 -11.03
CA ALA A 372 13.28 11.83 -11.61
C ALA A 372 13.08 12.96 -10.61
N ALA A 373 14.04 13.13 -9.71
CA ALA A 373 13.99 14.19 -8.69
C ALA A 373 14.31 15.54 -9.34
N PHE A 374 14.83 15.54 -10.56
CA PHE A 374 15.25 16.77 -11.26
C PHE A 374 14.41 16.95 -12.52
N GLU A 375 13.54 15.98 -12.82
CA GLU A 375 12.61 16.05 -13.97
C GLU A 375 11.38 16.83 -13.55
N ASP A 376 10.71 17.43 -14.53
CA ASP A 376 9.50 18.24 -14.31
C ASP A 376 8.38 17.34 -13.78
N LEU A 377 7.71 17.81 -12.72
CA LEU A 377 6.69 17.01 -11.98
C LEU A 377 5.50 16.75 -12.90
N ARG A 378 5.21 17.64 -13.84
CA ARG A 378 4.10 17.42 -14.81
C ARG A 378 4.49 16.28 -15.76
N VAL A 379 5.76 16.18 -16.14
CA VAL A 379 6.27 15.00 -16.90
C VAL A 379 6.15 13.77 -16.00
N SER A 380 6.55 13.90 -14.74
CA SER A 380 6.57 12.76 -13.79
C SER A 380 5.14 12.30 -13.49
N SER A 381 4.18 13.23 -13.43
CA SER A 381 2.79 12.91 -13.00
C SER A 381 2.07 12.20 -14.14
N PHE A 382 2.17 12.76 -15.34
CA PHE A 382 1.59 12.16 -16.55
C PHE A 382 2.06 10.70 -16.67
N ILE A 383 3.36 10.47 -16.55
CA ILE A 383 3.98 9.11 -16.71
C ILE A 383 3.44 8.17 -15.63
N ARG A 384 3.24 8.66 -14.41
CA ARG A 384 2.93 7.79 -13.25
C ARG A 384 1.42 7.55 -13.15
N GLY A 385 0.59 8.47 -13.66
CA GLY A 385 -0.88 8.36 -13.65
C GLY A 385 -1.49 9.00 -12.40
N THR A 386 -0.70 9.21 -11.36
CA THR A 386 -1.09 9.99 -10.17
C THR A 386 -0.12 11.16 -10.04
N ARG A 387 -0.57 12.22 -9.36
CA ARG A 387 0.15 13.52 -9.30
C ARG A 387 1.40 13.36 -8.46
N VAL A 388 2.54 13.79 -9.00
CA VAL A 388 3.83 13.78 -8.27
C VAL A 388 4.00 15.20 -7.73
N ILE A 389 3.72 15.35 -6.45
CA ILE A 389 3.68 16.69 -5.78
C ILE A 389 5.11 17.05 -5.41
N PRO A 390 5.41 18.34 -5.23
CA PRO A 390 6.72 18.77 -4.76
C PRO A 390 7.07 18.21 -3.38
N ARG A 391 8.35 18.25 -3.05
CA ARG A 391 8.89 17.58 -1.84
C ARG A 391 8.40 18.31 -0.59
N GLY A 392 8.27 19.63 -0.64
CA GLY A 392 7.86 20.44 0.53
C GLY A 392 6.42 20.17 0.93
N GLN A 393 5.67 19.42 0.13
CA GLN A 393 4.24 19.14 0.41
C GLN A 393 4.08 17.65 0.71
N LEU A 394 5.18 16.94 0.90
CA LEU A 394 5.15 15.50 1.25
C LEU A 394 5.09 15.37 2.76
N SER A 395 4.54 14.26 3.23
CA SER A 395 4.37 13.94 4.67
C SER A 395 5.18 12.69 4.97
N THR A 396 6.46 12.73 4.63
CA THR A 396 7.44 11.65 4.92
C THR A 396 8.77 12.33 5.21
N ARG A 397 9.74 11.58 5.73
CA ARG A 397 11.05 12.16 6.09
C ARG A 397 12.20 11.33 5.53
N GLY A 398 11.92 10.25 4.78
CA GLY A 398 13.02 9.40 4.25
C GLY A 398 12.94 7.95 4.70
N VAL A 399 13.66 7.10 3.99
CA VAL A 399 13.42 5.64 4.06
C VAL A 399 14.26 5.06 5.19
N GLN A 400 15.55 5.42 5.25
CA GLN A 400 16.52 4.89 6.26
C GLN A 400 16.03 5.30 7.65
N ILE A 401 16.10 4.37 8.61
CA ILE A 401 15.60 4.61 9.99
C ILE A 401 16.80 4.93 10.88
N ALA A 402 16.72 6.02 11.64
CA ALA A 402 17.83 6.54 12.50
C ALA A 402 18.05 5.59 13.68
N SER A 403 19.18 5.73 14.37
CA SER A 403 19.57 4.90 15.53
C SER A 403 18.57 5.10 16.68
N ASN A 404 17.97 6.29 16.79
CA ASN A 404 17.21 6.74 17.98
C ASN A 404 15.71 6.50 17.82
N GLU A 405 15.25 5.87 16.74
CA GLU A 405 13.80 5.82 16.46
C GLU A 405 13.25 4.47 16.92
N ASN A 406 12.05 4.49 17.49
CA ASN A 406 11.40 3.28 18.06
C ASN A 406 10.82 2.47 16.91
N VAL A 407 11.54 1.43 16.49
CA VAL A 407 11.14 0.57 15.35
C VAL A 407 9.82 -0.13 15.69
N GLU A 408 9.62 -0.47 16.96
CA GLU A 408 8.42 -1.24 17.41
C GLU A 408 7.16 -0.38 17.29
N ALA A 409 7.29 0.95 17.33
CA ALA A 409 6.17 1.91 17.17
C ALA A 409 5.75 2.00 15.71
N MET A 410 6.57 1.52 14.75
CA MET A 410 6.33 1.71 13.30
C MET A 410 5.73 0.43 12.71
N ASP A 411 5.05 0.57 11.58
CA ASP A 411 4.43 -0.58 10.86
C ASP A 411 4.86 -0.55 9.39
N SER A 412 4.78 -1.69 8.74
CA SER A 412 5.12 -1.82 7.30
C SER A 412 3.92 -1.43 6.44
N SER A 413 4.17 -0.84 5.28
CA SER A 413 3.13 -0.59 4.25
C SER A 413 3.72 -0.84 2.86
N THR A 414 2.94 -1.46 1.99
CA THR A 414 3.34 -1.66 0.58
C THR A 414 3.61 -0.30 -0.04
N LEU A 415 4.70 -0.16 -0.78
CA LEU A 415 4.95 1.09 -1.53
C LEU A 415 4.37 0.95 -2.92
N GLU A 416 3.50 1.88 -3.29
CA GLU A 416 2.91 1.95 -4.65
C GLU A 416 4.01 2.44 -5.57
N LEU A 417 4.52 1.55 -6.45
CA LEU A 417 5.69 1.84 -7.31
C LEU A 417 5.34 1.71 -8.78
N ARG A 418 4.10 1.40 -9.11
CA ARG A 418 3.70 1.15 -10.51
C ARG A 418 3.60 2.49 -11.25
N SER A 419 3.57 2.44 -12.57
CA SER A 419 3.44 3.63 -13.45
C SER A 419 2.31 3.40 -14.45
N ARG A 420 1.55 4.44 -14.77
CA ARG A 420 0.48 4.36 -15.79
C ARG A 420 1.12 4.13 -17.16
N TYR A 421 2.16 4.87 -17.48
CA TYR A 421 2.92 4.75 -18.74
C TYR A 421 4.40 4.44 -18.45
N TRP A 422 5.17 4.21 -19.50
CA TRP A 422 6.65 4.20 -19.44
C TRP A 422 7.17 5.20 -20.48
N ALA A 423 8.47 5.49 -20.45
CA ALA A 423 9.06 6.59 -21.25
C ALA A 423 10.53 6.34 -21.57
N ILE A 424 11.10 7.22 -22.39
CA ILE A 424 12.52 7.24 -22.85
C ILE A 424 12.98 8.70 -22.92
N SER A 447 35.45 38.02 -20.34
CA SER A 447 34.01 38.37 -20.20
C SER A 447 33.32 38.46 -21.57
N ASP A 448 33.93 37.88 -22.63
CA ASP A 448 33.39 37.87 -24.01
C ASP A 448 32.43 36.70 -24.16
N MET A 449 32.87 35.53 -23.68
CA MET A 449 32.05 34.29 -23.64
C MET A 449 30.85 34.56 -22.73
N ARG A 450 31.06 35.38 -21.69
CA ARG A 450 29.97 35.86 -20.81
C ARG A 450 28.94 36.63 -21.63
N THR A 451 29.37 37.41 -22.64
CA THR A 451 28.46 38.26 -23.45
C THR A 451 27.62 37.37 -24.38
N GLU A 452 28.23 36.34 -24.97
CA GLU A 452 27.51 35.36 -25.83
C GLU A 452 26.45 34.64 -24.97
N ILE A 453 26.87 34.11 -23.82
CA ILE A 453 25.98 33.29 -22.94
C ILE A 453 24.77 34.13 -22.55
N ILE A 454 25.01 35.32 -21.97
CA ILE A 454 23.92 36.18 -21.45
C ILE A 454 22.93 36.43 -22.58
N ARG A 455 23.44 36.67 -23.80
CA ARG A 455 22.57 36.97 -24.96
C ARG A 455 21.75 35.72 -25.29
N MET A 456 22.39 34.55 -25.36
CA MET A 456 21.70 33.31 -25.75
C MET A 456 20.86 32.76 -24.58
N MET A 457 20.98 33.32 -23.36
CA MET A 457 20.06 32.94 -22.26
C MET A 457 18.78 33.78 -22.33
N GLU A 458 18.91 35.10 -22.51
CA GLU A 458 17.73 35.98 -22.69
C GLU A 458 16.99 35.55 -23.96
N SER A 459 17.71 35.09 -24.99
CA SER A 459 17.15 34.64 -26.30
C SER A 459 16.23 33.43 -26.10
N ALA A 460 16.72 32.38 -25.43
CA ALA A 460 16.09 31.04 -25.33
C ALA A 460 14.63 31.18 -24.90
N ARG A 461 13.71 30.63 -25.72
CA ARG A 461 12.25 30.49 -25.43
C ARG A 461 12.00 29.14 -24.74
N GLY A 471 8.44 10.99 -25.52
CA GLY A 471 8.59 9.54 -25.65
C GLY A 471 7.84 8.82 -24.54
N VAL A 472 6.51 8.91 -24.54
CA VAL A 472 5.66 8.28 -23.49
C VAL A 472 4.75 7.26 -24.16
N PHE A 473 4.82 6.01 -23.72
CA PHE A 473 4.08 4.86 -24.31
C PHE A 473 3.39 4.07 -23.21
N GLU A 474 2.36 3.31 -23.58
CA GLU A 474 1.66 2.37 -22.67
C GLU A 474 2.54 1.13 -22.55
N LEU A 475 2.43 0.43 -21.43
CA LEU A 475 3.23 -0.80 -21.16
C LEU A 475 2.75 -1.99 -22.02
N SER A 476 1.53 -1.95 -22.57
CA SER A 476 1.09 -2.92 -23.61
C SER A 476 2.03 -2.83 -24.82
N ASP A 477 2.49 -1.62 -25.16
CA ASP A 477 3.14 -1.30 -26.45
C ASP A 477 4.42 -2.10 -26.67
N GLU A 478 5.04 -2.65 -25.61
CA GLU A 478 6.36 -3.35 -25.69
C GLU A 478 7.40 -2.40 -26.28
N LYS A 479 7.41 -2.26 -27.61
CA LYS A 479 8.27 -1.33 -28.35
C LYS A 479 7.53 0.00 -28.55
N ALA A 480 8.27 1.07 -28.85
CA ALA A 480 7.75 2.44 -28.98
C ALA A 480 7.00 2.59 -30.31
N THR A 481 5.83 1.94 -30.42
CA THR A 481 5.05 1.85 -31.68
C THR A 481 4.10 3.05 -31.79
N ASN A 482 3.30 3.28 -30.74
CA ASN A 482 2.25 4.33 -30.74
C ASN A 482 2.51 5.26 -29.56
N PRO A 483 3.23 6.39 -29.79
CA PRO A 483 3.44 7.39 -28.74
C PRO A 483 2.10 7.92 -28.24
N ILE A 484 2.09 8.39 -27.00
CA ILE A 484 0.88 8.99 -26.39
C ILE A 484 1.14 10.49 -26.33
N VAL A 485 0.13 11.28 -26.69
CA VAL A 485 0.25 12.76 -26.61
C VAL A 485 0.22 13.16 -25.13
N PRO A 486 1.26 13.87 -24.65
CA PRO A 486 1.32 14.31 -23.26
C PRO A 486 0.22 15.32 -22.92
N SER A 487 -0.33 15.21 -21.71
CA SER A 487 -1.44 16.09 -21.22
C SER A 487 -1.09 16.58 -19.82
N PHE A 488 -0.56 17.80 -19.73
CA PHE A 488 -0.19 18.45 -18.44
C PHE A 488 -1.21 19.53 -18.09
N ASP A 489 -1.10 20.06 -16.88
CA ASP A 489 -1.82 21.28 -16.42
C ASP A 489 -0.76 22.31 -15.97
N MET A 490 -0.59 23.38 -16.74
CA MET A 490 0.54 24.34 -16.55
C MET A 490 0.51 24.98 -15.16
N SER A 491 -0.66 25.05 -14.50
CA SER A 491 -0.79 25.61 -13.13
C SER A 491 -0.05 24.71 -12.14
N ASN A 492 0.07 23.42 -12.44
CA ASN A 492 0.87 22.50 -11.58
C ASN A 492 2.33 22.94 -11.66
N GLU A 493 3.00 23.09 -10.52
CA GLU A 493 4.44 23.48 -10.43
C GLU A 493 5.31 22.42 -11.11
N GLY A 494 6.44 22.85 -11.65
CA GLY A 494 7.34 21.98 -12.45
C GLY A 494 8.51 21.42 -11.65
N SER A 495 8.93 22.10 -10.59
CA SER A 495 10.15 21.72 -9.83
C SER A 495 9.77 20.91 -8.60
N TYR A 496 10.47 19.80 -8.40
CA TYR A 496 10.34 18.96 -7.19
C TYR A 496 10.74 19.76 -5.95
N PHE A 497 11.55 20.82 -6.12
CA PHE A 497 12.13 21.56 -4.97
C PHE A 497 11.39 22.87 -4.71
N PHE A 498 10.23 23.13 -5.31
CA PHE A 498 9.42 24.33 -4.97
C PHE A 498 8.93 24.24 -3.52
N GLY A 499 9.27 25.24 -2.69
CA GLY A 499 8.94 25.29 -1.25
C GLY A 499 9.46 24.08 -0.50
N ASP A 500 10.65 23.64 -0.85
CA ASP A 500 11.30 22.47 -0.20
C ASP A 500 11.43 22.71 1.30
N ASN A 501 11.12 21.71 2.12
CA ASN A 501 11.35 21.75 3.59
C ASN A 501 12.18 20.55 4.06
N ALA A 502 12.78 19.77 3.15
CA ALA A 502 13.47 18.50 3.48
C ALA A 502 14.71 18.76 4.37
N GLU A 503 15.04 17.81 5.24
CA GLU A 503 16.25 17.88 6.10
C GLU A 503 17.50 17.88 5.21
N GLU A 504 18.50 18.69 5.57
CA GLU A 504 19.80 18.82 4.86
C GLU A 504 20.52 17.47 4.95
N TYR A 505 21.19 17.07 3.88
CA TYR A 505 21.99 15.82 3.87
C TYR A 505 23.14 15.91 4.88
N ASN B 57 -36.08 -13.85 23.87
CA ASN B 57 -36.15 -15.28 24.26
C ASN B 57 -34.77 -15.95 24.18
N ALA B 58 -34.77 -17.27 24.29
CA ALA B 58 -33.65 -18.18 23.94
C ALA B 58 -33.96 -18.80 22.58
N THR B 59 -35.20 -19.27 22.40
CA THR B 59 -35.73 -19.86 21.15
C THR B 59 -36.64 -18.88 20.41
N GLU B 60 -37.51 -18.14 21.10
CA GLU B 60 -38.40 -17.16 20.42
C GLU B 60 -37.56 -16.23 19.53
N ILE B 61 -36.41 -15.81 20.03
CA ILE B 61 -35.41 -15.07 19.21
C ILE B 61 -34.96 -15.99 18.07
N ARG B 62 -34.85 -17.30 18.34
CA ARG B 62 -34.35 -18.27 17.32
C ARG B 62 -35.42 -18.49 16.26
N ALA B 63 -36.72 -18.37 16.60
CA ALA B 63 -37.82 -18.45 15.61
C ALA B 63 -37.76 -17.21 14.70
N SER B 64 -37.61 -16.02 15.28
CA SER B 64 -37.55 -14.74 14.54
C SER B 64 -36.37 -14.77 13.56
N VAL B 65 -35.18 -15.14 14.02
CA VAL B 65 -33.96 -15.14 13.16
C VAL B 65 -34.14 -16.20 12.05
N GLY B 66 -34.72 -17.35 12.39
CA GLY B 66 -35.03 -18.45 11.45
C GLY B 66 -36.07 -18.02 10.44
N ARG B 67 -37.03 -17.20 10.84
CA ARG B 67 -38.06 -16.65 9.93
C ARG B 67 -37.39 -15.66 8.97
N MET B 68 -36.33 -14.98 9.41
CA MET B 68 -35.65 -13.93 8.62
C MET B 68 -34.82 -14.60 7.53
N VAL B 69 -33.98 -15.58 7.91
CA VAL B 69 -33.10 -16.31 6.94
C VAL B 69 -33.98 -17.15 6.02
N GLY B 70 -35.03 -17.78 6.55
CA GLY B 70 -36.06 -18.45 5.74
C GLY B 70 -36.58 -17.49 4.70
N GLY B 71 -36.91 -16.27 5.11
CA GLY B 71 -37.38 -15.24 4.18
C GLY B 71 -36.37 -15.03 3.06
N ILE B 72 -35.09 -15.02 3.40
CA ILE B 72 -34.03 -14.61 2.44
C ILE B 72 -33.88 -15.70 1.39
N GLY B 73 -34.04 -16.96 1.79
CA GLY B 73 -33.87 -18.11 0.88
C GLY B 73 -35.08 -18.23 -0.03
N ARG B 74 -36.24 -17.94 0.51
CA ARG B 74 -37.49 -17.95 -0.29
C ARG B 74 -37.37 -16.88 -1.37
N PHE B 75 -36.91 -15.70 -0.99
CA PHE B 75 -36.78 -14.54 -1.91
C PHE B 75 -35.80 -14.89 -3.02
N TYR B 76 -34.74 -15.61 -2.68
CA TYR B 76 -33.67 -15.96 -3.63
C TYR B 76 -34.19 -17.02 -4.61
N ILE B 77 -34.90 -18.03 -4.12
CA ILE B 77 -35.45 -19.13 -4.97
C ILE B 77 -36.39 -18.51 -6.01
N GLN B 78 -37.16 -17.50 -5.64
CA GLN B 78 -38.24 -17.04 -6.54
C GLN B 78 -37.64 -16.13 -7.59
N MET B 79 -36.67 -15.30 -7.21
CA MET B 79 -36.01 -14.39 -8.17
C MET B 79 -35.08 -15.18 -9.08
N CYS B 80 -34.78 -16.44 -8.73
CA CYS B 80 -34.05 -17.38 -9.61
C CYS B 80 -35.06 -18.07 -10.51
N THR B 81 -36.29 -18.26 -10.05
CA THR B 81 -37.39 -18.79 -10.88
C THR B 81 -37.73 -17.74 -11.95
N GLU B 82 -37.69 -16.45 -11.63
CA GLU B 82 -38.22 -15.38 -12.52
C GLU B 82 -37.09 -14.80 -13.37
N LEU B 83 -35.82 -15.05 -13.02
CA LEU B 83 -34.68 -14.69 -13.91
C LEU B 83 -34.24 -15.94 -14.69
N LYS B 84 -34.83 -17.10 -14.39
CA LYS B 84 -34.63 -18.36 -15.16
C LYS B 84 -33.17 -18.81 -15.02
N LEU B 85 -32.62 -18.72 -13.81
CA LEU B 85 -31.27 -19.23 -13.54
C LEU B 85 -31.40 -20.71 -13.21
N SER B 86 -30.62 -21.53 -13.92
CA SER B 86 -30.44 -22.97 -13.60
C SER B 86 -29.93 -23.13 -12.16
N ASP B 87 -29.87 -24.37 -11.69
CA ASP B 87 -29.33 -24.75 -10.35
C ASP B 87 -27.90 -24.23 -10.20
N GLN B 88 -27.04 -24.54 -11.16
CA GLN B 88 -25.61 -24.12 -11.15
C GLN B 88 -25.55 -22.59 -11.15
N GLU B 89 -26.36 -21.94 -11.98
CA GLU B 89 -26.40 -20.47 -12.11
C GLU B 89 -26.88 -19.87 -10.78
N GLY B 90 -27.74 -20.58 -10.05
CA GLY B 90 -28.28 -20.11 -8.77
C GLY B 90 -27.25 -20.21 -7.66
N ARG B 91 -26.22 -21.02 -7.85
CA ARG B 91 -25.19 -21.28 -6.81
C ARG B 91 -23.96 -20.42 -7.08
N LEU B 92 -24.02 -19.49 -8.02
CA LEU B 92 -22.89 -18.57 -8.31
C LEU B 92 -22.98 -17.37 -7.37
N ILE B 93 -21.96 -17.14 -6.56
CA ILE B 93 -21.97 -16.03 -5.59
C ILE B 93 -22.14 -14.70 -6.32
N GLN B 94 -21.73 -14.59 -7.59
CA GLN B 94 -21.86 -13.31 -8.34
C GLN B 94 -23.34 -13.00 -8.60
N ASN B 95 -24.08 -14.00 -9.06
CA ASN B 95 -25.54 -13.82 -9.29
C ASN B 95 -26.19 -13.41 -7.98
N SER B 96 -25.73 -13.97 -6.86
CA SER B 96 -26.45 -13.81 -5.57
C SER B 96 -26.15 -12.41 -5.04
N ILE B 97 -24.94 -11.92 -5.26
CA ILE B 97 -24.63 -10.53 -4.82
C ILE B 97 -25.47 -9.55 -5.65
N THR B 98 -25.72 -9.82 -6.92
CA THR B 98 -26.49 -8.88 -7.77
C THR B 98 -27.93 -8.82 -7.27
N ILE B 99 -28.53 -9.95 -6.94
CA ILE B 99 -29.94 -9.97 -6.44
C ILE B 99 -29.98 -9.28 -5.08
N GLU B 100 -28.96 -9.49 -4.24
CA GLU B 100 -28.83 -8.78 -2.94
C GLU B 100 -28.77 -7.27 -3.21
N ARG B 101 -27.97 -6.86 -4.20
CA ARG B 101 -27.78 -5.41 -4.52
C ARG B 101 -29.12 -4.84 -4.98
N MET B 102 -29.83 -5.56 -5.86
CA MET B 102 -31.13 -5.09 -6.43
C MET B 102 -32.12 -4.89 -5.30
N VAL B 103 -32.31 -5.89 -4.45
CA VAL B 103 -33.36 -5.83 -3.41
C VAL B 103 -32.99 -4.75 -2.38
N LEU B 104 -31.70 -4.51 -2.15
CA LEU B 104 -31.28 -3.42 -1.24
C LEU B 104 -31.62 -2.05 -1.84
N SER B 105 -31.48 -1.88 -3.16
CA SER B 105 -31.73 -0.59 -3.84
C SER B 105 -33.23 -0.35 -3.97
N ALA B 106 -34.00 -1.43 -4.14
CA ALA B 106 -35.47 -1.39 -4.28
C ALA B 106 -36.05 -0.76 -3.03
N PHE B 107 -35.50 -1.05 -1.86
CA PHE B 107 -36.04 -0.62 -0.54
C PHE B 107 -35.29 0.58 0.02
N ASP B 108 -34.52 1.26 -0.82
CA ASP B 108 -33.72 2.43 -0.38
C ASP B 108 -34.57 3.69 -0.45
N GLU B 109 -35.64 3.77 0.35
CA GLU B 109 -36.63 4.88 0.39
C GLU B 109 -35.95 6.26 0.38
N ARG B 110 -34.83 6.41 1.09
CA ARG B 110 -34.10 7.70 1.19
C ARG B 110 -33.45 8.05 -0.15
N ARG B 111 -32.84 7.08 -0.85
CA ARG B 111 -32.19 7.30 -2.17
C ARG B 111 -33.05 6.69 -3.29
N ASN B 112 -34.32 6.37 -2.98
CA ASN B 112 -35.41 5.87 -3.86
C ASN B 112 -35.15 4.41 -4.26
N ALA B 121 -26.84 10.65 -15.43
CA ALA B 121 -28.17 11.22 -15.08
C ALA B 121 -29.29 10.46 -15.81
N GLY B 122 -29.08 10.09 -17.08
CA GLY B 122 -30.05 9.40 -17.96
C GLY B 122 -30.33 7.98 -17.47
N LYS B 123 -31.04 7.88 -16.35
CA LYS B 123 -31.25 6.58 -15.66
C LYS B 123 -32.63 6.64 -15.01
N ASP B 124 -33.42 5.59 -15.20
CA ASP B 124 -34.82 5.53 -14.70
C ASP B 124 -34.74 5.32 -13.19
N PRO B 125 -35.31 6.23 -12.37
CA PRO B 125 -35.29 6.04 -10.92
C PRO B 125 -36.21 4.93 -10.37
N LYS B 126 -37.12 4.39 -11.20
CA LYS B 126 -38.06 3.32 -10.78
C LYS B 126 -37.51 1.96 -11.25
N LYS B 127 -36.26 1.94 -11.70
CA LYS B 127 -35.63 0.72 -12.26
C LYS B 127 -34.33 0.45 -11.51
N THR B 128 -34.06 -0.82 -11.26
CA THR B 128 -32.79 -1.32 -10.68
C THR B 128 -32.44 -2.59 -11.45
N GLY B 129 -31.29 -3.18 -11.17
CA GLY B 129 -30.80 -4.40 -11.84
C GLY B 129 -29.31 -4.52 -11.63
N GLY B 130 -28.60 -5.11 -12.58
CA GLY B 130 -27.14 -5.32 -12.47
C GLY B 130 -26.66 -6.45 -13.35
N PRO B 131 -25.42 -6.93 -13.16
CA PRO B 131 -24.89 -8.01 -13.98
C PRO B 131 -25.37 -9.39 -13.46
N ILE B 132 -25.83 -10.23 -14.39
CA ILE B 132 -26.14 -11.65 -14.13
C ILE B 132 -25.29 -12.48 -15.08
N TYR B 133 -24.82 -13.62 -14.60
CA TYR B 133 -23.81 -14.43 -15.30
C TYR B 133 -24.44 -15.77 -15.61
N ARG B 134 -24.49 -16.13 -16.88
CA ARG B 134 -25.25 -17.32 -17.33
C ARG B 134 -24.36 -18.23 -18.13
N ARG B 135 -24.68 -19.53 -18.10
CA ARG B 135 -23.99 -20.57 -18.88
C ARG B 135 -24.59 -20.62 -20.29
N ARG B 136 -23.78 -20.33 -21.29
CA ARG B 136 -24.17 -20.48 -22.72
C ARG B 136 -23.01 -21.08 -23.47
N ASP B 137 -23.24 -22.18 -24.19
CA ASP B 137 -22.27 -22.76 -25.14
C ASP B 137 -20.93 -22.98 -24.44
N GLY B 138 -20.97 -23.54 -23.22
CA GLY B 138 -19.79 -23.99 -22.47
C GLY B 138 -18.99 -22.84 -21.87
N LYS B 139 -19.55 -21.64 -21.77
CA LYS B 139 -18.85 -20.47 -21.18
C LYS B 139 -19.77 -19.67 -20.28
N TRP B 140 -19.20 -18.78 -19.49
CA TRP B 140 -19.94 -17.78 -18.69
C TRP B 140 -20.04 -16.49 -19.49
N VAL B 141 -21.20 -15.86 -19.44
CA VAL B 141 -21.49 -14.64 -20.21
C VAL B 141 -22.23 -13.66 -19.29
N ARG B 142 -21.76 -12.41 -19.26
CA ARG B 142 -22.40 -11.31 -18.51
C ARG B 142 -23.66 -10.88 -19.25
N GLU B 143 -24.81 -11.05 -18.61
CA GLU B 143 -26.11 -10.54 -19.14
C GLU B 143 -26.67 -9.53 -18.15
N LEU B 144 -26.92 -8.31 -18.59
CA LEU B 144 -27.45 -7.24 -17.70
C LEU B 144 -28.96 -7.39 -17.61
N ILE B 145 -29.52 -7.11 -16.44
CA ILE B 145 -30.98 -7.16 -16.23
C ILE B 145 -31.46 -5.82 -15.69
N LEU B 146 -32.73 -5.51 -15.97
CA LEU B 146 -33.48 -4.39 -15.41
C LEU B 146 -34.82 -4.89 -14.90
N TYR B 147 -35.19 -4.42 -13.71
CA TYR B 147 -36.43 -4.83 -13.01
C TYR B 147 -36.99 -3.60 -12.29
N ASP B 148 -38.30 -3.44 -12.33
CA ASP B 148 -39.00 -2.41 -11.53
C ASP B 148 -38.63 -2.60 -10.05
N LYS B 149 -38.22 -1.53 -9.39
CA LYS B 149 -37.99 -1.50 -7.93
C LYS B 149 -39.29 -1.87 -7.20
N GLU B 150 -40.46 -1.63 -7.79
CA GLU B 150 -41.74 -2.00 -7.14
C GLU B 150 -41.92 -3.52 -7.20
N GLU B 151 -41.47 -4.17 -8.27
CA GLU B 151 -41.73 -5.63 -8.47
C GLU B 151 -40.78 -6.43 -7.59
N ILE B 152 -39.58 -5.93 -7.36
CA ILE B 152 -38.62 -6.58 -6.43
C ILE B 152 -39.14 -6.39 -5.01
N ARG B 153 -39.69 -5.21 -4.71
CA ARG B 153 -40.30 -4.96 -3.39
C ARG B 153 -41.42 -5.98 -3.15
N ARG B 154 -42.25 -6.22 -4.16
CA ARG B 154 -43.42 -7.13 -4.05
C ARG B 154 -42.93 -8.57 -3.88
N ILE B 155 -41.86 -8.95 -4.60
CA ILE B 155 -41.30 -10.34 -4.55
C ILE B 155 -40.69 -10.52 -3.16
N TRP B 156 -40.09 -9.49 -2.57
CA TRP B 156 -39.43 -9.61 -1.25
C TRP B 156 -40.50 -9.79 -0.19
N ARG B 157 -41.61 -9.05 -0.32
CA ARG B 157 -42.73 -9.10 0.67
C ARG B 157 -43.49 -10.41 0.48
N GLN B 158 -43.66 -10.85 -0.76
CA GLN B 158 -44.29 -12.15 -1.09
C GLN B 158 -43.51 -13.26 -0.38
N ALA B 159 -42.19 -13.17 -0.37
CA ALA B 159 -41.30 -14.22 0.19
C ALA B 159 -41.16 -14.06 1.70
N ASN B 160 -41.73 -13.03 2.31
CA ASN B 160 -41.67 -12.81 3.78
C ASN B 160 -43.07 -12.75 4.38
N ASN B 161 -44.10 -13.25 3.68
CA ASN B 161 -45.51 -13.25 4.15
C ASN B 161 -46.03 -11.83 4.28
N GLY B 162 -45.78 -11.00 3.25
CA GLY B 162 -46.29 -9.61 3.16
C GLY B 162 -45.62 -8.66 4.12
N GLU B 163 -44.62 -9.11 4.89
CA GLU B 163 -43.92 -8.27 5.89
C GLU B 163 -42.83 -7.44 5.20
N ASP B 164 -42.50 -6.29 5.78
CA ASP B 164 -41.39 -5.43 5.30
C ASP B 164 -40.07 -6.19 5.53
N ALA B 165 -40.00 -6.90 6.64
CA ALA B 165 -38.86 -7.77 6.99
C ALA B 165 -37.56 -7.00 6.76
N THR B 166 -37.41 -5.83 7.37
CA THR B 166 -36.19 -5.01 7.21
C THR B 166 -34.99 -5.76 7.78
N ALA B 167 -35.18 -6.71 8.71
CA ALA B 167 -34.07 -7.40 9.39
C ALA B 167 -33.32 -8.30 8.41
N GLY B 168 -34.03 -8.88 7.42
CA GLY B 168 -33.41 -9.67 6.34
C GLY B 168 -32.60 -8.76 5.43
N LEU B 169 -33.01 -7.51 5.31
CA LEU B 169 -32.34 -6.55 4.39
C LEU B 169 -31.04 -6.12 5.06
N THR B 170 -31.08 -5.80 6.35
CA THR B 170 -29.86 -5.43 7.11
C THR B 170 -28.94 -6.64 7.20
N HIS B 171 -29.48 -7.86 7.23
CA HIS B 171 -28.66 -9.11 7.28
C HIS B 171 -27.76 -9.20 6.05
N MET B 172 -28.37 -9.12 4.86
CA MET B 172 -27.71 -9.07 3.53
C MET B 172 -26.71 -7.91 3.53
N MET B 173 -27.07 -6.81 4.17
CA MET B 173 -26.18 -5.62 4.22
C MET B 173 -24.93 -5.92 5.06
N ILE B 174 -25.11 -6.55 6.21
CA ILE B 174 -23.98 -6.87 7.12
C ILE B 174 -23.05 -7.85 6.38
N TRP B 175 -23.62 -8.67 5.50
CA TRP B 175 -22.84 -9.68 4.73
C TRP B 175 -21.98 -8.92 3.73
N HIS B 176 -22.57 -7.96 2.99
CA HIS B 176 -21.86 -7.08 2.03
C HIS B 176 -20.72 -6.37 2.74
N SER B 177 -20.99 -5.82 3.93
CA SER B 177 -19.99 -5.06 4.72
C SER B 177 -18.80 -5.96 5.09
N ASN B 178 -19.06 -7.13 5.67
CA ASN B 178 -18.00 -8.08 6.12
C ASN B 178 -17.23 -8.55 4.88
N LEU B 179 -17.91 -8.71 3.75
CA LEU B 179 -17.26 -9.11 2.49
C LEU B 179 -16.28 -8.00 2.10
N ASN B 180 -16.71 -6.74 2.20
CA ASN B 180 -15.87 -5.58 1.87
C ASN B 180 -14.69 -5.48 2.85
N ASP B 181 -14.93 -5.76 4.12
CA ASP B 181 -13.89 -5.68 5.17
C ASP B 181 -12.78 -6.66 4.84
N ALA B 182 -13.13 -7.85 4.36
CA ALA B 182 -12.17 -8.94 4.06
C ALA B 182 -11.44 -8.63 2.75
N THR B 183 -11.98 -7.76 1.92
CA THR B 183 -11.54 -7.67 0.51
C THR B 183 -10.74 -6.40 0.27
N TYR B 184 -11.23 -5.27 0.77
CA TYR B 184 -10.76 -3.93 0.35
C TYR B 184 -9.96 -3.24 1.46
N GLN B 185 -8.94 -2.49 1.06
CA GLN B 185 -8.11 -1.64 1.95
C GLN B 185 -8.79 -0.27 2.10
N ARG B 186 -8.60 0.36 3.26
CA ARG B 186 -9.22 1.67 3.61
C ARG B 186 -8.12 2.62 4.11
N THR B 187 -6.86 2.34 3.77
CA THR B 187 -5.68 3.10 4.23
C THR B 187 -5.76 4.54 3.73
N ARG B 188 -6.26 4.77 2.52
CA ARG B 188 -6.22 6.13 1.92
C ARG B 188 -7.21 7.02 2.68
N ALA B 189 -8.40 6.50 2.98
CA ALA B 189 -9.39 7.21 3.81
C ALA B 189 -8.83 7.44 5.23
N LEU B 190 -8.07 6.49 5.77
CA LEU B 190 -7.52 6.63 7.15
C LEU B 190 -6.52 7.78 7.19
N VAL B 191 -5.67 7.92 6.17
CA VAL B 191 -4.63 8.99 6.12
C VAL B 191 -5.31 10.34 5.93
N ARG B 192 -6.32 10.43 5.05
CA ARG B 192 -6.94 11.74 4.72
C ARG B 192 -7.79 12.22 5.89
N THR B 193 -8.03 11.39 6.91
CA THR B 193 -8.83 11.80 8.11
C THR B 193 -7.93 12.02 9.32
N GLY B 194 -6.61 11.81 9.20
CA GLY B 194 -5.66 12.05 10.30
C GLY B 194 -5.36 10.81 11.13
N MET B 195 -5.93 9.66 10.77
CA MET B 195 -5.73 8.39 11.53
C MET B 195 -4.54 7.63 10.96
N ASP B 196 -4.03 6.63 11.67
CA ASP B 196 -2.83 5.86 11.24
C ASP B 196 -3.30 4.66 10.42
N PRO B 197 -2.54 4.23 9.39
CA PRO B 197 -2.87 3.01 8.63
C PRO B 197 -2.93 1.73 9.47
N ARG B 198 -2.21 1.68 10.60
CA ARG B 198 -2.25 0.55 11.54
C ARG B 198 -3.69 0.29 11.99
N MET B 199 -4.53 1.33 12.04
CA MET B 199 -5.90 1.21 12.60
C MET B 199 -6.81 0.47 11.62
N CYS B 200 -6.29 -0.06 10.51
CA CYS B 200 -7.03 -0.95 9.57
C CYS B 200 -7.68 -2.10 10.34
N SER B 201 -7.01 -2.53 11.40
CA SER B 201 -7.43 -3.66 12.26
C SER B 201 -8.69 -3.30 13.05
N LEU B 202 -9.17 -2.06 12.99
CA LEU B 202 -10.34 -1.62 13.80
C LEU B 202 -11.41 -1.02 12.88
N MET B 203 -11.36 -1.35 11.59
CA MET B 203 -12.21 -0.68 10.57
C MET B 203 -13.32 -1.61 10.14
N GLN B 204 -13.82 -2.42 11.07
CA GLN B 204 -15.00 -3.29 10.81
C GLN B 204 -16.21 -2.38 10.65
N GLY B 205 -17.04 -2.65 9.65
CA GLY B 205 -18.34 -1.98 9.46
C GLY B 205 -18.20 -0.66 8.75
N SER B 206 -17.00 -0.36 8.22
CA SER B 206 -16.65 0.98 7.71
C SER B 206 -17.43 1.26 6.43
N THR B 207 -17.95 0.22 5.79
CA THR B 207 -18.64 0.31 4.49
C THR B 207 -20.16 0.27 4.68
N LEU B 208 -20.63 0.14 5.91
CA LEU B 208 -22.10 0.03 6.16
C LEU B 208 -22.76 1.35 5.78
N PRO B 209 -23.90 1.31 5.05
CA PRO B 209 -24.70 2.51 4.83
C PRO B 209 -25.20 3.09 6.16
N ARG B 210 -25.70 4.32 6.16
CA ARG B 210 -26.20 4.95 7.42
C ARG B 210 -27.65 4.53 7.69
N ARG B 211 -28.15 3.46 7.05
CA ARG B 211 -29.56 3.02 7.13
C ARG B 211 -29.64 1.59 7.69
N SER B 212 -28.61 1.16 8.42
CA SER B 212 -28.49 -0.20 8.98
C SER B 212 -28.86 -0.20 10.46
N GLY B 213 -29.07 0.98 11.06
CA GLY B 213 -29.66 1.16 12.40
C GLY B 213 -28.71 0.68 13.48
N ALA B 214 -29.23 0.08 14.55
CA ALA B 214 -28.45 -0.46 15.69
C ALA B 214 -27.67 -1.72 15.29
N ALA B 215 -28.20 -2.55 14.40
CA ALA B 215 -27.55 -3.81 13.95
C ALA B 215 -26.24 -3.47 13.26
N GLY B 216 -26.30 -2.50 12.34
CA GLY B 216 -25.12 -1.95 11.66
C GLY B 216 -24.13 -1.38 12.65
N ALA B 217 -24.59 -0.61 13.63
CA ALA B 217 -23.72 0.13 14.56
C ALA B 217 -23.07 -0.83 15.56
N ALA B 218 -23.63 -2.01 15.78
CA ALA B 218 -23.11 -2.95 16.80
C ALA B 218 -21.83 -3.60 16.26
N ILE B 219 -21.71 -3.73 14.94
CA ILE B 219 -20.59 -4.43 14.27
C ILE B 219 -19.57 -3.40 13.79
N LYS B 220 -19.79 -2.12 14.04
CA LYS B 220 -18.81 -1.08 13.62
C LYS B 220 -17.67 -1.08 14.63
N GLY B 221 -16.44 -1.19 14.14
CA GLY B 221 -15.22 -1.13 14.97
C GLY B 221 -15.04 0.24 15.61
N VAL B 222 -14.21 0.33 16.66
CA VAL B 222 -13.78 1.63 17.25
C VAL B 222 -13.25 2.54 16.13
N GLY B 223 -12.44 2.04 15.20
CA GLY B 223 -11.87 2.85 14.12
C GLY B 223 -12.96 3.46 13.24
N THR B 224 -13.99 2.69 12.90
CA THR B 224 -15.11 3.14 12.02
C THR B 224 -15.77 4.33 12.69
N MET B 225 -16.06 4.19 13.98
CA MET B 225 -16.80 5.24 14.72
C MET B 225 -15.92 6.47 14.84
N VAL B 226 -14.63 6.28 15.13
CA VAL B 226 -13.67 7.41 15.25
C VAL B 226 -13.59 8.14 13.90
N MET B 227 -13.61 7.40 12.78
CA MET B 227 -13.43 7.98 11.43
C MET B 227 -14.64 8.85 11.07
N GLU B 228 -15.85 8.35 11.33
CA GLU B 228 -17.10 9.08 11.00
C GLU B 228 -17.19 10.33 11.90
N LEU B 229 -16.64 10.24 13.12
CA LEU B 229 -16.69 11.35 14.09
C LEU B 229 -15.71 12.44 13.66
N ILE B 230 -14.51 12.04 13.21
CA ILE B 230 -13.46 12.99 12.72
C ILE B 230 -14.02 13.71 11.48
N ARG B 231 -14.72 12.99 10.61
CA ARG B 231 -15.22 13.56 9.34
C ARG B 231 -16.34 14.57 9.62
N MET B 232 -17.17 14.31 10.63
CA MET B 232 -18.29 15.22 10.97
C MET B 232 -17.70 16.47 11.62
N ILE B 233 -16.70 16.33 12.49
CA ILE B 233 -16.00 17.50 13.10
C ILE B 233 -15.25 18.26 12.00
N LYS B 234 -14.71 17.54 11.03
CA LYS B 234 -13.94 18.13 9.90
C LYS B 234 -14.87 19.07 9.13
N ARG B 235 -16.16 18.75 9.06
CA ARG B 235 -17.15 19.51 8.26
C ARG B 235 -17.85 20.58 9.11
N GLY B 236 -17.52 20.70 10.40
CA GLY B 236 -18.05 21.74 11.31
C GLY B 236 -17.06 22.86 11.50
N ILE B 237 -15.78 22.56 11.32
CA ILE B 237 -14.67 23.55 11.35
C ILE B 237 -14.87 24.55 10.19
N ASN B 238 -15.51 24.10 9.10
CA ASN B 238 -15.84 24.93 7.91
C ASN B 238 -16.67 26.14 8.34
N ARG B 240 -18.71 27.67 10.64
CA ARG B 240 -19.71 27.90 11.71
C ARG B 240 -21.07 27.34 11.26
N ASN B 241 -21.08 26.13 10.68
CA ASN B 241 -22.31 25.43 10.23
C ASN B 241 -22.63 24.28 11.19
N PHE B 242 -22.83 24.60 12.48
CA PHE B 242 -23.20 23.66 13.57
C PHE B 242 -24.52 24.13 14.21
N TRP B 243 -25.56 24.27 13.39
CA TRP B 243 -26.94 24.64 13.84
C TRP B 243 -27.91 23.45 13.65
N ARG B 244 -29.21 23.75 13.63
CA ARG B 244 -30.31 22.75 13.47
C ARG B 244 -31.41 23.37 12.60
N THR B 251 -28.39 18.97 14.14
CA THR B 251 -27.58 17.82 13.62
C THR B 251 -26.55 17.39 14.66
N ARG B 252 -26.89 17.50 15.94
CA ARG B 252 -25.93 17.42 17.08
C ARG B 252 -26.24 16.22 17.99
N ILE B 253 -27.49 15.77 18.02
CA ILE B 253 -27.89 14.53 18.74
C ILE B 253 -27.38 13.33 17.94
N ALA B 254 -27.26 13.47 16.62
CA ALA B 254 -26.61 12.49 15.71
C ALA B 254 -25.15 12.33 16.14
N TYR B 255 -24.47 13.46 16.33
CA TYR B 255 -23.07 13.51 16.85
C TYR B 255 -23.02 12.77 18.19
N GLU B 256 -23.94 13.02 19.13
CA GLU B 256 -23.74 12.42 20.48
C GLU B 256 -24.27 10.97 20.48
N ARG B 257 -25.16 10.57 19.58
CA ARG B 257 -25.61 9.14 19.52
C ARG B 257 -24.42 8.29 19.06
N MET B 258 -23.73 8.73 18.01
CA MET B 258 -22.56 7.96 17.54
C MET B 258 -21.43 8.05 18.58
N CYS B 259 -21.38 9.11 19.39
CA CYS B 259 -20.40 9.24 20.50
C CYS B 259 -20.74 8.24 21.61
N ASN B 260 -22.02 8.07 21.92
CA ASN B 260 -22.48 7.11 22.96
C ASN B 260 -22.43 5.68 22.40
N ILE B 261 -22.44 5.52 21.08
CA ILE B 261 -22.32 4.15 20.49
C ILE B 261 -20.86 3.71 20.62
N LEU B 262 -19.91 4.62 20.37
CA LEU B 262 -18.46 4.38 20.56
C LEU B 262 -18.17 4.34 22.06
N LYS B 263 -18.91 5.09 22.88
CA LYS B 263 -18.82 5.04 24.36
C LYS B 263 -19.09 3.59 24.81
N GLY B 264 -20.19 3.01 24.31
CA GLY B 264 -20.65 1.66 24.68
C GLY B 264 -19.66 0.59 24.23
N LYS B 265 -18.87 0.92 23.22
CA LYS B 265 -17.87 -0.01 22.62
C LYS B 265 -16.58 -0.06 23.45
N PHE B 266 -16.32 0.93 24.31
CA PHE B 266 -15.10 0.92 25.15
C PHE B 266 -15.35 0.08 26.40
N GLN B 267 -14.28 -0.43 27.01
CA GLN B 267 -14.40 -1.44 28.12
C GLN B 267 -13.41 -1.12 29.23
N THR B 268 -13.19 0.18 29.49
CA THR B 268 -12.44 0.74 30.65
C THR B 268 -13.09 2.09 31.02
N ALA B 269 -13.27 2.35 32.32
CA ALA B 269 -13.90 3.60 32.83
C ALA B 269 -13.13 4.81 32.30
N ALA B 270 -11.86 4.64 31.93
CA ALA B 270 -10.97 5.75 31.54
C ALA B 270 -11.37 6.23 30.13
N GLN B 271 -11.53 5.31 29.20
CA GLN B 271 -11.86 5.63 27.78
C GLN B 271 -13.32 6.07 27.70
N LYS B 272 -14.19 5.39 28.46
CA LYS B 272 -15.61 5.81 28.64
C LYS B 272 -15.62 7.28 29.10
N ALA B 273 -14.84 7.63 30.12
CA ALA B 273 -14.77 9.00 30.68
C ALA B 273 -14.25 9.95 29.60
N MET B 274 -13.26 9.53 28.80
CA MET B 274 -12.69 10.45 27.78
C MET B 274 -13.74 10.63 26.67
N MET B 275 -14.53 9.60 26.40
CA MET B 275 -15.60 9.69 25.37
C MET B 275 -16.76 10.53 25.93
N ASP B 276 -16.87 10.63 27.25
CA ASP B 276 -17.84 11.54 27.91
C ASP B 276 -17.41 12.99 27.60
N GLN B 277 -16.13 13.29 27.82
CA GLN B 277 -15.53 14.63 27.58
C GLN B 277 -15.69 15.00 26.11
N VAL B 278 -15.46 14.07 25.19
CA VAL B 278 -15.64 14.32 23.73
C VAL B 278 -17.10 14.69 23.46
N ARG B 279 -18.05 13.99 24.08
CA ARG B 279 -19.50 14.26 23.86
C ARG B 279 -19.79 15.68 24.37
N GLU B 280 -20.58 16.45 23.60
CA GLU B 280 -21.08 17.81 23.91
C GLU B 280 -19.97 18.71 24.49
N SER B 281 -19.00 19.11 23.67
CA SER B 281 -18.07 20.20 24.03
C SER B 281 -18.57 21.51 23.40
N ARG B 282 -19.86 21.55 23.05
CA ARG B 282 -20.55 22.67 22.36
C ARG B 282 -19.93 22.92 20.98
N ASN B 283 -18.61 23.08 20.90
CA ASN B 283 -17.90 23.41 19.63
C ASN B 283 -16.72 22.47 19.47
N PRO B 284 -16.95 21.22 19.00
CA PRO B 284 -15.85 20.28 18.78
C PRO B 284 -15.00 20.71 17.56
N GLY B 285 -13.68 20.60 17.71
CA GLY B 285 -12.70 20.85 16.63
C GLY B 285 -11.49 19.93 16.75
N ASN B 286 -10.30 20.47 16.46
CA ASN B 286 -9.06 19.66 16.36
C ASN B 286 -8.70 19.07 17.74
N ALA B 287 -9.16 19.66 18.85
CA ALA B 287 -8.88 19.16 20.23
C ALA B 287 -9.61 17.84 20.43
N GLU B 288 -10.84 17.75 19.93
CA GLU B 288 -11.65 16.50 20.02
C GLU B 288 -11.09 15.50 19.00
N ILE B 289 -10.66 15.96 17.83
CA ILE B 289 -10.03 15.09 16.80
C ILE B 289 -8.83 14.38 17.43
N GLU B 290 -7.99 15.09 18.19
CA GLU B 290 -6.77 14.49 18.78
C GLU B 290 -7.20 13.53 19.90
N ASP B 291 -8.29 13.80 20.60
CA ASP B 291 -8.85 12.89 21.63
C ASP B 291 -9.31 11.59 20.96
N LEU B 292 -9.99 11.72 19.81
CA LEU B 292 -10.52 10.56 19.04
C LEU B 292 -9.35 9.75 18.47
N ILE B 293 -8.18 10.36 18.27
CA ILE B 293 -7.00 9.61 17.76
C ILE B 293 -6.32 8.90 18.93
N PHE B 294 -6.25 9.54 20.10
CA PHE B 294 -5.65 8.97 21.33
C PHE B 294 -6.44 7.71 21.71
N LEU B 295 -7.77 7.78 21.63
CA LEU B 295 -8.66 6.67 22.05
C LEU B 295 -8.69 5.58 20.99
N ALA B 296 -8.23 5.87 19.76
CA ALA B 296 -8.21 4.87 18.68
C ALA B 296 -6.94 4.06 18.79
N ARG B 297 -5.83 4.69 19.18
CA ARG B 297 -4.57 3.98 19.49
C ARG B 297 -4.75 3.24 20.82
N SER B 298 -5.54 3.81 21.74
CA SER B 298 -5.86 3.18 23.04
C SER B 298 -6.52 1.82 22.78
N ALA B 299 -7.31 1.71 21.71
CA ALA B 299 -8.06 0.48 21.41
C ALA B 299 -7.15 -0.53 20.68
N LEU B 300 -5.90 -0.17 20.38
CA LEU B 300 -4.93 -1.15 19.82
C LEU B 300 -4.45 -2.09 20.93
N ILE B 301 -4.38 -1.60 22.17
CA ILE B 301 -3.97 -2.46 23.33
C ILE B 301 -5.22 -2.86 24.13
N LEU B 302 -5.90 -1.90 24.75
CA LEU B 302 -7.19 -2.16 25.46
C LEU B 302 -8.33 -2.11 24.45
N ARG B 303 -8.81 -3.29 24.04
CA ARG B 303 -9.70 -3.46 22.87
C ARG B 303 -11.16 -3.29 23.31
N GLY B 304 -11.97 -2.67 22.44
CA GLY B 304 -13.43 -2.61 22.62
C GLY B 304 -14.07 -3.96 22.40
N SER B 305 -15.37 -4.04 22.63
CA SER B 305 -16.14 -5.27 22.40
C SER B 305 -17.18 -5.01 21.34
N ILE B 306 -16.95 -5.54 20.15
CA ILE B 306 -17.83 -5.30 18.98
C ILE B 306 -18.45 -6.64 18.59
N ALA B 307 -19.69 -6.59 18.08
CA ALA B 307 -20.46 -7.76 17.61
C ALA B 307 -19.90 -8.26 16.27
N HIS B 308 -19.90 -9.58 16.12
CA HIS B 308 -19.46 -10.31 14.90
C HIS B 308 -20.64 -11.14 14.41
N LYS B 309 -21.36 -10.62 13.42
CA LYS B 309 -22.54 -11.32 12.88
C LYS B 309 -22.09 -12.12 11.65
N SER B 310 -22.13 -13.44 11.76
CA SER B 310 -21.92 -14.36 10.62
C SER B 310 -23.14 -14.32 9.72
N CYS B 311 -23.01 -13.67 8.57
CA CYS B 311 -24.08 -13.48 7.57
C CYS B 311 -23.64 -14.14 6.27
N LEU B 312 -24.49 -14.98 5.71
CA LEU B 312 -24.17 -15.78 4.52
C LEU B 312 -24.79 -15.10 3.31
N PRO B 313 -24.22 -15.31 2.11
CA PRO B 313 -24.83 -14.81 0.89
C PRO B 313 -26.20 -15.48 0.67
N ALA B 314 -27.06 -14.83 -0.10
CA ALA B 314 -28.47 -15.19 -0.28
C ALA B 314 -28.56 -16.61 -0.83
N CYS B 315 -27.60 -17.01 -1.66
CA CYS B 315 -27.62 -18.30 -2.38
C CYS B 315 -27.47 -19.48 -1.40
N VAL B 316 -27.06 -19.25 -0.16
CA VAL B 316 -26.78 -20.35 0.80
C VAL B 316 -28.06 -20.66 1.60
N TYR B 317 -28.71 -19.62 2.10
CA TYR B 317 -30.09 -19.77 2.64
C TYR B 317 -30.99 -20.30 1.51
N GLY B 318 -30.81 -19.79 0.28
CA GLY B 318 -31.58 -20.18 -0.91
C GLY B 318 -31.57 -21.69 -1.12
N LEU B 319 -30.37 -22.27 -1.26
CA LEU B 319 -30.17 -23.74 -1.45
C LEU B 319 -30.78 -24.48 -0.25
N ALA B 320 -30.61 -23.98 0.97
CA ALA B 320 -31.09 -24.66 2.20
C ALA B 320 -32.62 -24.71 2.18
N VAL B 321 -33.28 -23.60 1.88
CA VAL B 321 -34.76 -23.57 1.87
C VAL B 321 -35.23 -24.45 0.70
N ALA B 322 -34.49 -24.47 -0.41
CA ALA B 322 -34.79 -25.34 -1.56
C ALA B 322 -34.72 -26.79 -1.10
N SER B 323 -33.69 -27.12 -0.31
CA SER B 323 -33.41 -28.49 0.22
C SER B 323 -34.57 -29.00 1.08
N GLY B 324 -35.37 -28.09 1.65
CA GLY B 324 -36.49 -28.41 2.54
C GLY B 324 -36.15 -28.19 3.99
N TYR B 325 -35.04 -27.51 4.26
CA TYR B 325 -34.64 -27.09 5.64
C TYR B 325 -35.65 -26.04 6.12
N ASP B 326 -36.24 -26.26 7.29
CA ASP B 326 -37.22 -25.34 7.89
C ASP B 326 -36.50 -24.49 8.94
N PHE B 327 -36.17 -23.23 8.61
CA PHE B 327 -35.36 -22.37 9.51
C PHE B 327 -36.22 -21.91 10.68
N GLU B 328 -37.52 -21.84 10.48
CA GLU B 328 -38.48 -21.32 11.49
C GLU B 328 -38.54 -22.29 12.69
N ARG B 329 -38.88 -23.55 12.44
CA ARG B 329 -39.10 -24.57 13.50
C ARG B 329 -37.75 -25.13 13.98
N GLU B 330 -36.67 -25.01 13.21
CA GLU B 330 -35.34 -25.51 13.64
C GLU B 330 -34.61 -24.42 14.42
N GLY B 331 -35.00 -23.15 14.21
CA GLY B 331 -34.34 -21.99 14.82
C GLY B 331 -33.03 -21.70 14.12
N TYR B 332 -32.48 -20.52 14.35
CA TYR B 332 -31.20 -20.12 13.74
C TYR B 332 -30.56 -19.06 14.63
N SER B 333 -29.26 -19.20 14.90
CA SER B 333 -28.45 -18.17 15.58
C SER B 333 -27.22 -17.87 14.74
N LEU B 334 -26.82 -16.61 14.67
CA LEU B 334 -25.60 -16.18 13.96
C LEU B 334 -24.36 -16.52 14.80
N VAL B 335 -24.51 -16.88 16.09
CA VAL B 335 -23.35 -16.89 17.02
C VAL B 335 -22.86 -18.33 17.24
N GLY B 336 -23.72 -19.32 17.00
CA GLY B 336 -23.43 -20.69 17.46
C GLY B 336 -22.70 -21.51 16.41
N ILE B 337 -23.32 -22.62 16.05
CA ILE B 337 -22.82 -23.59 15.06
C ILE B 337 -23.65 -23.49 13.77
N ASP B 338 -24.79 -22.79 13.79
CA ASP B 338 -25.74 -22.81 12.65
C ASP B 338 -25.01 -22.37 11.39
N PRO B 339 -24.26 -21.24 11.40
CA PRO B 339 -23.58 -20.78 10.20
C PRO B 339 -22.52 -21.80 9.78
N PHE B 340 -21.78 -22.36 10.74
CA PHE B 340 -20.75 -23.39 10.46
C PHE B 340 -21.41 -24.58 9.79
N ARG B 341 -22.56 -24.98 10.30
CA ARG B 341 -23.19 -26.25 9.86
C ARG B 341 -23.72 -26.03 8.44
N LEU B 342 -24.31 -24.87 8.18
CA LEU B 342 -24.91 -24.61 6.85
C LEU B 342 -23.79 -24.49 5.81
N LEU B 343 -22.71 -23.81 6.15
CA LEU B 343 -21.54 -23.69 5.24
C LEU B 343 -20.92 -25.06 5.00
N GLN B 344 -21.01 -25.99 5.95
CA GLN B 344 -20.49 -27.37 5.74
C GLN B 344 -21.19 -28.00 4.53
N ASN B 345 -22.50 -27.78 4.37
CA ASN B 345 -23.32 -28.37 3.28
C ASN B 345 -23.55 -27.35 2.15
N SER B 346 -22.73 -26.31 2.05
CA SER B 346 -22.87 -25.32 0.96
C SER B 346 -22.26 -25.88 -0.32
N GLN B 347 -22.91 -25.60 -1.45
CA GLN B 347 -22.31 -25.68 -2.79
C GLN B 347 -22.37 -24.29 -3.38
N VAL B 348 -21.29 -23.52 -3.25
CA VAL B 348 -21.21 -22.13 -3.75
C VAL B 348 -20.08 -22.05 -4.77
N PHE B 349 -20.32 -21.34 -5.85
CA PHE B 349 -19.35 -21.19 -6.95
C PHE B 349 -18.96 -19.73 -7.01
N SER B 350 -17.80 -19.50 -7.61
CA SER B 350 -17.27 -18.13 -7.83
C SER B 350 -16.54 -18.11 -9.16
N LEU B 351 -16.69 -17.01 -9.88
CA LEU B 351 -15.89 -16.75 -11.09
C LEU B 351 -14.47 -16.50 -10.62
N ILE B 352 -13.50 -17.12 -11.29
CA ILE B 352 -12.07 -16.90 -11.01
C ILE B 352 -11.47 -16.10 -12.16
N ARG B 353 -10.87 -14.94 -11.88
CA ARG B 353 -10.02 -14.22 -12.86
C ARG B 353 -8.83 -15.10 -13.22
N PRO B 354 -8.25 -14.91 -14.43
CA PRO B 354 -7.05 -15.66 -14.80
C PRO B 354 -5.89 -15.37 -13.83
N ASN B 355 -5.10 -16.39 -13.52
CA ASN B 355 -3.94 -16.28 -12.60
C ASN B 355 -4.39 -16.05 -11.16
N GLU B 356 -5.62 -16.41 -10.81
CA GLU B 356 -6.14 -16.25 -9.42
C GLU B 356 -6.23 -17.63 -8.77
N ASN B 357 -5.79 -17.74 -7.52
CA ASN B 357 -5.82 -19.01 -6.75
C ASN B 357 -7.23 -19.21 -6.18
N PRO B 358 -7.98 -20.24 -6.63
CA PRO B 358 -9.37 -20.42 -6.18
C PRO B 358 -9.48 -20.68 -4.68
N ALA B 359 -8.44 -21.25 -4.06
CA ALA B 359 -8.40 -21.47 -2.59
C ALA B 359 -8.31 -20.12 -1.87
N HIS B 360 -7.50 -19.21 -2.39
CA HIS B 360 -7.36 -17.84 -1.84
C HIS B 360 -8.71 -17.13 -1.92
N LYS B 361 -9.39 -17.24 -3.07
CA LYS B 361 -10.75 -16.66 -3.22
C LYS B 361 -11.66 -17.32 -2.19
N SER B 362 -11.46 -18.61 -1.92
CA SER B 362 -12.29 -19.38 -0.98
C SER B 362 -12.05 -18.84 0.44
N GLN B 363 -10.80 -18.54 0.78
CA GLN B 363 -10.47 -18.05 2.15
C GLN B 363 -11.10 -16.66 2.33
N LEU B 364 -11.13 -15.88 1.25
CA LEU B 364 -11.71 -14.52 1.26
C LEU B 364 -13.19 -14.62 1.61
N VAL B 365 -13.90 -15.53 0.96
CA VAL B 365 -15.38 -15.69 1.16
C VAL B 365 -15.60 -16.34 2.53
N TRP B 366 -14.76 -17.33 2.87
CA TRP B 366 -14.91 -18.06 4.15
C TRP B 366 -14.81 -17.04 5.29
N MET B 367 -13.78 -16.20 5.24
CA MET B 367 -13.49 -15.22 6.31
C MET B 367 -14.59 -14.16 6.30
N ALA B 368 -15.21 -13.88 5.15
CA ALA B 368 -16.30 -12.89 5.08
C ALA B 368 -17.58 -13.46 5.68
N CYS B 369 -17.87 -14.75 5.49
CA CYS B 369 -19.11 -15.35 6.01
C CYS B 369 -19.00 -15.53 7.53
N HIS B 370 -17.80 -15.53 8.12
CA HIS B 370 -17.66 -15.69 9.60
C HIS B 370 -17.17 -14.38 10.23
N SER B 371 -17.20 -13.27 9.47
CA SER B 371 -16.74 -11.93 9.88
C SER B 371 -15.42 -12.06 10.64
N ALA B 372 -14.44 -12.70 10.03
CA ALA B 372 -13.19 -13.12 10.68
C ALA B 372 -12.00 -12.33 10.12
N ALA B 373 -12.26 -11.16 9.53
CA ALA B 373 -11.19 -10.38 8.87
C ALA B 373 -10.37 -9.64 9.94
N PHE B 374 -10.85 -9.59 11.17
CA PHE B 374 -10.18 -8.83 12.25
C PHE B 374 -9.71 -9.79 13.34
N GLU B 375 -10.01 -11.08 13.18
CA GLU B 375 -9.56 -12.13 14.12
C GLU B 375 -8.13 -12.56 13.77
N ASP B 376 -7.41 -13.06 14.77
CA ASP B 376 -6.04 -13.58 14.59
C ASP B 376 -6.08 -14.80 13.66
N LEU B 377 -5.18 -14.80 12.68
CA LEU B 377 -5.13 -15.79 11.57
C LEU B 377 -4.83 -17.17 12.16
N ARG B 378 -4.04 -17.22 13.23
CA ARG B 378 -3.69 -18.51 13.88
C ARG B 378 -4.96 -19.09 14.52
N VAL B 379 -5.79 -18.25 15.11
CA VAL B 379 -7.10 -18.71 15.66
C VAL B 379 -7.99 -19.09 14.48
N SER B 380 -7.97 -18.33 13.39
CA SER B 380 -8.80 -18.58 12.20
C SER B 380 -8.35 -19.89 11.52
N SER B 381 -7.06 -20.19 11.52
CA SER B 381 -6.51 -21.39 10.83
C SER B 381 -6.87 -22.65 11.63
N PHE B 382 -6.68 -22.61 12.94
CA PHE B 382 -7.11 -23.68 13.86
C PHE B 382 -8.57 -24.06 13.59
N ILE B 383 -9.47 -23.09 13.54
CA ILE B 383 -10.94 -23.34 13.41
C ILE B 383 -11.20 -23.97 12.03
N ARG B 384 -10.49 -23.52 11.00
CA ARG B 384 -10.82 -23.85 9.59
C ARG B 384 -10.16 -25.16 9.19
N GLY B 385 -9.03 -25.53 9.79
CA GLY B 385 -8.28 -26.76 9.46
C GLY B 385 -7.23 -26.55 8.38
N THR B 386 -7.39 -25.49 7.58
CA THR B 386 -6.38 -25.06 6.59
C THR B 386 -5.92 -23.65 6.93
N ARG B 387 -4.73 -23.27 6.51
CA ARG B 387 -4.06 -22.04 7.00
C ARG B 387 -4.76 -20.83 6.39
N VAL B 388 -5.13 -19.87 7.23
CA VAL B 388 -5.69 -18.58 6.78
C VAL B 388 -4.53 -17.60 6.74
N ILE B 389 -4.01 -17.37 5.54
CA ILE B 389 -2.79 -16.52 5.31
C ILE B 389 -3.25 -15.07 5.29
N PRO B 390 -2.33 -14.12 5.55
CA PRO B 390 -2.64 -12.69 5.42
C PRO B 390 -3.10 -12.29 4.02
N ARG B 391 -3.73 -11.12 3.91
CA ARG B 391 -4.38 -10.69 2.65
C ARG B 391 -3.32 -10.37 1.61
N GLY B 392 -2.18 -9.82 2.03
CA GLY B 392 -1.11 -9.40 1.10
C GLY B 392 -0.44 -10.60 0.44
N GLN B 393 -0.75 -11.82 0.90
CA GLN B 393 -0.12 -13.05 0.36
C GLN B 393 -1.18 -13.86 -0.39
N LEU B 394 -2.34 -13.26 -0.64
CA LEU B 394 -3.41 -13.91 -1.41
C LEU B 394 -3.18 -13.60 -2.88
N SER B 395 -3.65 -14.48 -3.77
CA SER B 395 -3.49 -14.34 -5.23
C SER B 395 -4.87 -14.15 -5.85
N THR B 396 -5.63 -13.20 -5.32
CA THR B 396 -7.02 -12.92 -5.71
C THR B 396 -7.26 -11.43 -5.50
N ARG B 397 -8.33 -10.92 -6.09
CA ARG B 397 -8.89 -9.61 -5.76
C ARG B 397 -10.35 -9.88 -5.38
N GLY B 398 -11.23 -8.89 -5.49
CA GLY B 398 -12.62 -9.00 -5.03
C GLY B 398 -13.40 -10.14 -5.65
N VAL B 399 -14.55 -10.40 -5.05
CA VAL B 399 -15.56 -11.36 -5.55
C VAL B 399 -16.29 -10.73 -6.73
N GLN B 400 -16.78 -9.49 -6.57
CA GLN B 400 -17.58 -8.76 -7.58
C GLN B 400 -16.78 -8.59 -8.87
N ILE B 401 -17.40 -8.83 -10.02
CA ILE B 401 -16.72 -8.72 -11.34
C ILE B 401 -17.13 -7.40 -11.97
N ALA B 402 -16.15 -6.60 -12.43
CA ALA B 402 -16.35 -5.25 -13.02
C ALA B 402 -17.09 -5.38 -14.35
N SER B 403 -17.69 -4.29 -14.83
CA SER B 403 -18.52 -4.30 -16.06
C SER B 403 -17.63 -4.56 -17.28
N ASN B 404 -16.35 -4.18 -17.22
CA ASN B 404 -15.44 -4.20 -18.40
C ASN B 404 -14.48 -5.39 -18.36
N GLU B 405 -14.74 -6.42 -17.56
CA GLU B 405 -13.84 -7.61 -17.53
C GLU B 405 -14.42 -8.70 -18.44
N ASN B 406 -13.54 -9.44 -19.09
CA ASN B 406 -13.92 -10.51 -20.05
C ASN B 406 -14.36 -11.74 -19.26
N VAL B 407 -15.67 -11.89 -19.10
CA VAL B 407 -16.26 -13.01 -18.32
C VAL B 407 -15.95 -14.33 -19.04
N GLU B 408 -15.87 -14.32 -20.37
CA GLU B 408 -15.67 -15.57 -21.16
C GLU B 408 -14.25 -16.12 -20.93
N ALA B 409 -13.30 -15.26 -20.53
CA ALA B 409 -11.93 -15.66 -20.13
C ALA B 409 -11.94 -16.35 -18.75
N MET B 410 -13.00 -16.19 -17.97
CA MET B 410 -13.06 -16.69 -16.57
C MET B 410 -13.84 -18.00 -16.50
N ASP B 411 -13.56 -18.80 -15.48
CA ASP B 411 -14.29 -20.07 -15.27
C ASP B 411 -14.73 -20.16 -13.81
N SER B 412 -15.70 -21.01 -13.53
CA SER B 412 -16.23 -21.23 -12.17
C SER B 412 -15.33 -22.21 -11.41
N SER B 413 -15.21 -22.00 -10.11
CA SER B 413 -14.51 -22.92 -9.18
C SER B 413 -15.31 -23.03 -7.89
N THR B 414 -15.49 -24.25 -7.38
CA THR B 414 -16.21 -24.45 -6.10
C THR B 414 -15.41 -23.72 -5.02
N LEU B 415 -16.08 -22.97 -4.15
CA LEU B 415 -15.42 -22.30 -3.01
C LEU B 415 -15.39 -23.27 -1.84
N GLU B 416 -14.19 -23.50 -1.32
CA GLU B 416 -14.00 -24.28 -0.08
C GLU B 416 -14.44 -23.39 1.08
N LEU B 417 -15.56 -23.70 1.72
CA LEU B 417 -16.14 -22.85 2.81
C LEU B 417 -16.31 -23.66 4.09
N ARG B 418 -15.98 -24.96 4.06
CA ARG B 418 -16.11 -25.84 5.25
C ARG B 418 -15.07 -25.44 6.29
N SER B 419 -15.30 -25.88 7.53
CA SER B 419 -14.40 -25.64 8.68
C SER B 419 -14.15 -26.97 9.38
N ARG B 420 -12.93 -27.19 9.84
CA ARG B 420 -12.57 -28.36 10.66
C ARG B 420 -13.39 -28.33 11.95
N TYR B 421 -13.47 -27.18 12.62
CA TYR B 421 -14.24 -26.99 13.88
C TYR B 421 -15.26 -25.87 13.69
N TRP B 422 -16.09 -25.67 14.71
CA TRP B 422 -16.94 -24.46 14.87
C TRP B 422 -16.60 -23.75 16.18
N ALA B 423 -17.17 -22.56 16.40
CA ALA B 423 -16.79 -21.68 17.54
C ALA B 423 -18.00 -20.85 18.01
N ILE B 424 -17.86 -20.17 19.16
CA ILE B 424 -18.92 -19.28 19.72
C ILE B 424 -18.35 -17.96 20.22
N ARG B 425 -17.07 -17.65 19.95
CA ARG B 425 -16.36 -16.44 20.50
C ARG B 425 -17.08 -15.16 20.04
N THR B 446 -1.39 14.79 28.12
CA THR B 446 -1.66 16.18 28.58
C THR B 446 -3.01 16.27 29.34
N SER B 447 -3.67 15.15 29.64
CA SER B 447 -4.94 15.09 30.42
C SER B 447 -4.82 14.06 31.57
N ASP B 448 -5.84 13.99 32.41
CA ASP B 448 -5.87 13.09 33.61
C ASP B 448 -6.39 11.72 33.20
N MET B 449 -7.23 11.64 32.16
CA MET B 449 -7.73 10.33 31.64
C MET B 449 -6.73 9.83 30.60
N ARG B 450 -5.71 10.62 30.28
CA ARG B 450 -4.64 10.23 29.33
C ARG B 450 -3.50 9.56 30.11
N THR B 451 -3.30 9.94 31.38
CA THR B 451 -2.29 9.34 32.27
C THR B 451 -2.74 7.92 32.66
N GLU B 452 -4.02 7.74 32.98
CA GLU B 452 -4.58 6.43 33.39
C GLU B 452 -4.47 5.47 32.21
N ILE B 453 -4.89 5.89 31.02
CA ILE B 453 -4.87 5.01 29.82
C ILE B 453 -3.42 4.61 29.52
N ILE B 454 -2.49 5.57 29.47
CA ILE B 454 -1.04 5.27 29.24
C ILE B 454 -0.59 4.20 30.25
N ARG B 455 -1.00 4.30 31.51
CA ARG B 455 -0.64 3.35 32.58
C ARG B 455 -1.24 1.98 32.25
N MET B 456 -2.53 1.93 31.87
CA MET B 456 -3.23 0.66 31.59
C MET B 456 -2.77 0.08 30.25
N MET B 457 -2.04 0.85 29.42
CA MET B 457 -1.44 0.31 28.18
C MET B 457 -0.09 -0.33 28.52
N GLU B 458 0.74 0.36 29.31
CA GLU B 458 2.04 -0.19 29.80
C GLU B 458 1.76 -1.48 30.58
N SER B 459 0.66 -1.51 31.36
CA SER B 459 0.32 -2.63 32.28
C SER B 459 -0.03 -3.87 31.44
N ALA B 460 -0.93 -3.73 30.48
CA ALA B 460 -1.58 -4.84 29.75
C ALA B 460 -0.51 -5.76 29.15
N ARG B 461 -0.62 -7.06 29.45
CA ARG B 461 0.08 -8.18 28.74
C ARG B 461 -0.75 -8.61 27.54
N PRO B 462 -0.12 -8.82 26.35
CA PRO B 462 -0.86 -9.13 25.13
C PRO B 462 -1.51 -10.53 25.09
N GLN B 468 -5.99 -16.37 22.69
CA GLN B 468 -6.32 -17.49 21.76
C GLN B 468 -7.81 -17.86 21.93
N GLY B 469 -8.40 -18.54 20.94
CA GLY B 469 -9.84 -18.85 20.88
C GLY B 469 -10.19 -20.13 21.63
N ARG B 470 -10.83 -20.03 22.80
CA ARG B 470 -11.12 -21.18 23.68
C ARG B 470 -12.59 -21.58 23.57
N GLY B 471 -13.36 -20.98 22.66
CA GLY B 471 -14.73 -21.44 22.37
C GLY B 471 -14.73 -22.25 21.09
N VAL B 472 -13.88 -23.28 20.97
CA VAL B 472 -13.77 -24.08 19.71
C VAL B 472 -14.17 -25.52 20.00
N PHE B 473 -15.15 -26.04 19.26
CA PHE B 473 -15.72 -27.39 19.46
C PHE B 473 -15.74 -28.15 18.12
N GLU B 474 -15.82 -29.48 18.20
CA GLU B 474 -15.99 -30.34 17.00
C GLU B 474 -17.44 -30.21 16.55
N LEU B 475 -17.71 -30.36 15.25
CA LEU B 475 -19.07 -30.16 14.70
C LEU B 475 -19.98 -31.35 15.07
N SER B 476 -19.43 -32.50 15.46
CA SER B 476 -20.22 -33.56 16.14
C SER B 476 -20.78 -33.00 17.46
N ASP B 477 -19.97 -32.21 18.19
CA ASP B 477 -20.25 -31.68 19.54
C ASP B 477 -21.29 -30.55 19.42
N GLU B 478 -22.58 -30.90 19.33
CA GLU B 478 -23.66 -29.93 19.04
C GLU B 478 -23.77 -28.94 20.22
N LYS B 479 -23.61 -29.40 21.45
CA LYS B 479 -23.55 -28.53 22.66
C LYS B 479 -22.09 -28.20 22.98
N ALA B 480 -21.86 -27.12 23.72
CA ALA B 480 -20.49 -26.64 24.03
C ALA B 480 -19.97 -27.45 25.22
N THR B 481 -19.78 -28.75 25.02
CA THR B 481 -19.47 -29.69 26.12
C THR B 481 -17.97 -29.88 26.17
N ASN B 482 -17.30 -30.10 25.04
CA ASN B 482 -15.89 -30.54 25.02
C ASN B 482 -15.05 -29.58 24.19
N PRO B 483 -14.49 -28.49 24.78
CA PRO B 483 -13.64 -27.55 24.05
C PRO B 483 -12.42 -28.26 23.47
N ILE B 484 -11.86 -27.69 22.42
CA ILE B 484 -10.70 -28.29 21.70
C ILE B 484 -9.48 -27.44 22.01
N VAL B 485 -8.36 -28.09 22.29
CA VAL B 485 -7.08 -27.39 22.59
C VAL B 485 -6.55 -26.83 21.28
N PRO B 486 -6.27 -25.51 21.23
CA PRO B 486 -5.73 -24.88 20.04
C PRO B 486 -4.31 -25.34 19.70
N SER B 487 -4.01 -25.46 18.41
CA SER B 487 -2.65 -25.76 17.88
C SER B 487 -2.30 -24.77 16.77
N PHE B 488 -1.53 -23.74 17.11
CA PHE B 488 -1.02 -22.73 16.14
C PHE B 488 0.46 -22.98 15.85
N ASP B 489 0.98 -22.25 14.86
CA ASP B 489 2.44 -22.00 14.72
C ASP B 489 2.67 -20.56 15.16
N MET B 490 3.16 -20.35 16.39
CA MET B 490 3.25 -18.99 17.00
C MET B 490 4.09 -18.04 16.13
N SER B 491 4.98 -18.57 15.28
CA SER B 491 5.77 -17.79 14.30
C SER B 491 4.85 -17.07 13.31
N ASN B 492 3.67 -17.61 13.05
CA ASN B 492 2.78 -17.10 11.99
C ASN B 492 2.25 -15.74 12.42
N GLU B 493 2.12 -14.82 11.46
CA GLU B 493 1.62 -13.45 11.67
C GLU B 493 0.17 -13.51 12.11
N GLY B 494 -0.19 -12.79 13.17
CA GLY B 494 -1.55 -12.79 13.72
C GLY B 494 -2.52 -12.00 12.84
N SER B 495 -2.06 -10.93 12.21
CA SER B 495 -2.94 -9.92 11.58
C SER B 495 -3.19 -10.26 10.11
N TYR B 496 -4.44 -10.21 9.71
CA TYR B 496 -4.88 -10.37 8.30
C TYR B 496 -4.27 -9.27 7.45
N PHE B 497 -3.91 -8.12 8.06
CA PHE B 497 -3.50 -6.91 7.32
C PHE B 497 -1.99 -6.72 7.32
N PHE B 498 -1.20 -7.69 7.79
CA PHE B 498 0.29 -7.59 7.71
C PHE B 498 0.68 -7.66 6.24
N GLY B 499 1.43 -6.66 5.76
CA GLY B 499 1.91 -6.57 4.37
C GLY B 499 0.74 -6.55 3.40
N ASP B 500 -0.34 -5.87 3.78
CA ASP B 500 -1.53 -5.74 2.92
C ASP B 500 -1.13 -5.11 1.59
N ASN B 501 -1.64 -5.63 0.48
CA ASN B 501 -1.51 -4.99 -0.85
C ASN B 501 -2.88 -4.80 -1.51
N ALA B 502 -3.99 -4.93 -0.78
CA ALA B 502 -5.37 -4.95 -1.34
C ALA B 502 -5.73 -3.60 -2.01
N GLU B 503 -6.56 -3.64 -3.04
CA GLU B 503 -7.06 -2.41 -3.72
C GLU B 503 -7.93 -1.61 -2.73
N GLU B 504 -7.82 -0.28 -2.76
CA GLU B 504 -8.57 0.66 -1.89
C GLU B 504 -10.05 0.54 -2.26
N TYR B 505 -10.91 0.63 -1.25
CA TYR B 505 -12.38 0.56 -1.43
C TYR B 505 -12.86 1.77 -2.25
N1 OMU C 1 -26.63 0.02 -4.17
C2 OMU C 1 -26.40 -1.08 -3.17
N3 OMU C 1 -26.82 -0.92 -1.73
C4 OMU C 1 -27.46 0.33 -1.28
C5 OMU C 1 -27.67 1.41 -2.28
C6 OMU C 1 -27.25 1.24 -3.70
O2 OMU C 1 -25.86 -2.10 -3.55
O4 OMU C 1 -27.81 0.50 -0.13
C1' OMU C 1 -26.20 -0.15 -5.54
C2' OMU C 1 -27.13 -0.24 -6.53
O2' OMU C 1 -26.72 -1.24 -7.55
CM2 OMU C 1 -25.76 -2.17 -7.22
C3' OMU C 1 -27.18 1.15 -7.20
C4' OMU C 1 -25.67 1.63 -7.07
O3' OMU C 1 -27.49 1.18 -8.52
O4' OMU C 1 -25.22 1.12 -5.95
C5' OMU C 1 -25.53 3.16 -7.01
O5' OMU C 1 -26.80 3.76 -6.65
P OMU C 1 -26.84 5.05 -5.54
OP1 OMU C 1 -25.66 5.03 -4.60
OP2 OMU C 1 -26.82 6.31 -6.37
N1 OMU C 2 -29.75 -0.32 -14.46
C2 OMU C 2 -29.86 0.05 -15.90
N3 OMU C 2 -30.70 1.23 -16.29
C4 OMU C 2 -31.43 1.97 -15.27
C5 OMU C 2 -31.33 1.60 -13.86
C6 OMU C 2 -30.50 0.44 -13.47
O2 OMU C 2 -29.26 -0.54 -16.76
O4 OMU C 2 -32.11 2.92 -15.57
C1' OMU C 2 -28.90 -1.42 -14.10
C2' OMU C 2 -27.58 -1.06 -14.22
O2' OMU C 2 -26.69 -2.21 -14.51
CM2 OMU C 2 -27.16 -3.00 -15.55
C3' OMU C 2 -27.17 -0.49 -12.85
C4' OMU C 2 -27.89 -1.54 -11.92
O3' OMU C 2 -25.85 -0.40 -12.68
O4' OMU C 2 -29.03 -1.85 -12.51
C5' OMU C 2 -28.10 -0.92 -10.53
O5' OMU C 2 -28.87 0.31 -10.52
P OMU C 2 -29.02 1.09 -9.03
OP1 OMU C 2 -29.55 2.48 -9.20
OP2 OMU C 2 -29.84 0.31 -8.03
N1 OMU C 3 -23.10 -0.69 -18.06
C2 OMU C 3 -22.88 -0.83 -19.51
N3 OMU C 3 -24.08 -0.79 -20.43
C4 OMU C 3 -25.42 -0.63 -19.90
C5 OMU C 3 -25.62 -0.50 -18.44
C6 OMU C 3 -24.46 -0.55 -17.54
O2 OMU C 3 -21.75 -0.95 -19.94
O4 OMU C 3 -26.38 -0.60 -20.63
C1' OMU C 3 -21.94 -0.72 -17.19
C2' OMU C 3 -21.32 0.49 -17.00
O2' OMU C 3 -19.94 0.55 -17.60
CM2 OMU C 3 -19.62 1.74 -18.26
C3' OMU C 3 -21.17 0.74 -15.47
C4' OMU C 3 -21.78 -0.58 -14.82
O3' OMU C 3 -19.88 0.98 -15.09
O4' OMU C 3 -22.51 -1.21 -15.72
C5' OMU C 3 -22.72 -0.20 -13.67
O5' OMU C 3 -23.95 0.27 -14.23
P OMU C 3 -25.06 0.89 -13.17
OP1 OMU C 3 -24.35 1.51 -11.99
OP2 OMU C 3 -26.02 1.81 -13.88
#